data_7OHB
#
_entry.id   7OHB
#
_cell.length_a   1.00
_cell.length_b   1.00
_cell.length_c   1.00
_cell.angle_alpha   90.00
_cell.angle_beta   90.00
_cell.angle_gamma   90.00
#
_symmetry.space_group_name_H-M   'P 1'
#
loop_
_entity.id
_entity.type
_entity.pdbx_description
1 polymer 'Histone H3.2'
2 polymer 'Histone H4'
3 polymer 'Histone H2A'
4 polymer 'Histone H2B 1.1'
5 polymer 'DNA (145-MER)'
6 polymer 'DNA (145-MER)'
7 polymer 'TATA-binding protein'
#
loop_
_entity_poly.entity_id
_entity_poly.type
_entity_poly.pdbx_seq_one_letter_code
_entity_poly.pdbx_strand_id
1 'polypeptide(L)'
;ARTKQTARKSTGGKAPRKQLATKAARKSAPATGGVKKPHRYRPGTVALREIRRYQKSTELLIRKLPFQRLVREIAQDFKT
DLRFQSSAVMALQEASEAYLVALFEDTNLCAIHAKRVTIMPKDIQLARRIRGERA
;
A,E
2 'polypeptide(L)'
;SGRGKGGKGLGKGGAKRHRKVLRDNIQGITKPAIRRLARRGGVKRISGLIYEETRGVLKVFLENVIRDAVTYTEHAKRKT
VTAMDVVYALKRQGRTLYGFGG
;
B,F
3 'polypeptide(L)'
;SGRGKQGGKTRAKAKTRSSRAGLQFPVGRVHRLLRKGNYAERVGAGAPVYLAAVLEYLTAEILELAGNAARDNKKTRIIP
RHLQLAVRNDEELNKLLGRVTIAQGGVLPNIQSVLLPKKTESSKSAKSK
;
C,G
4 'polypeptide(L)'
;AKSAPAPKKGSKKAVTKTQKKDGKKRRKTRKESYAIYVYKVLKQVHPDTGISSKAMSIMNSFVNDVFERIAGEASRLAHY
NKRSTITSREIQTAVRLLLPGELAKHAVSEGTKAVTKYTSAK
;
D,H
5 'polydeoxyribonucleotide'
;(DA)(DT)(DC)(DA)(DG)(DA)(DA)(DT)(DC)(DC)(DC)(DG)(DG)(DT)(DG)(DC)(DC)(DG)(DA)(DG)
(DG)(DC)(DC)(DG)(DC)(DT)(DC)(DA)(DA)(DT)(DT)(DG)(DG)(DT)(DC)(DG)(DT)(DA)(DG)(DA)
(DC)(DA)(DG)(DC)(DT)(DC)(DT)(DA)(DG)(DC)(DA)(DC)(DC)(DG)(DC)(DT)(DT)(DA)(DA)(DA)
(DC)(DG)(DC)(DA)(DC)(DG)(DT)(DA)(DC)(DG)(DC)(DG)(DC)(DT)(DG)(DT)(DC)(DC)(DC)(DC)
(DC)(DG)(DC)(DG)(DT)(DT)(DT)(DT)(DA)(DA)(DC)(DC)(DG)(DC)(DC)(DA)(DA)(DG)(DG)(DG)
(DG)(DA)(DT)(DT)(DA)(DC)(DT)(DC)(DC)(DC)(DT)(DA)(DG)(DT)(DC)(DT)(DC)(DC)(DA)(DG)
(DG)(DC)(DA)(DC)(DG)(DT)(DG)(DT)(DC)(DA)(DG)(DA)(DT)(DA)(DT)(DA)(DT)(DA)(DC)(DA)
(DT)(DC)(DG)(DA)(DT)
;
I
6 'polydeoxyribonucleotide'
;(DA)(DT)(DC)(DG)(DA)(DT)(DG)(DT)(DA)(DT)(DA)(DT)(DA)(DT)(DC)(DT)(DG)(DA)(DC)(DA)
(DC)(DG)(DT)(DG)(DC)(DC)(DT)(DG)(DG)(DA)(DG)(DA)(DC)(DT)(DA)(DG)(DG)(DG)(DA)(DG)
(DT)(DA)(DA)(DT)(DC)(DC)(DC)(DC)(DT)(DT)(DG)(DG)(DC)(DG)(DG)(DT)(DT)(DA)(DA)(DA)
(DA)(DC)(DG)(DC)(DG)(DG)(DG)(DG)(DG)(DA)(DC)(DA)(DG)(DC)(DG)(DC)(DG)(DT)(DA)(DC)
(DG)(DT)(DG)(DC)(DG)(DT)(DT)(DT)(DA)(DA)(DG)(DC)(DG)(DG)(DT)(DG)(DC)(DT)(DA)(DG)
(DA)(DG)(DC)(DT)(DG)(DT)(DC)(DT)(DA)(DC)(DG)(DA)(DC)(DC)(DA)(DA)(DT)(DT)(DG)(DA)
(DG)(DC)(DG)(DG)(DC)(DC)(DT)(DC)(DG)(DG)(DC)(DA)(DC)(DC)(DG)(DG)(DG)(DA)(DT)(DT)
(DC)(DT)(DG)(DA)(DT)
;
J
7 'polypeptide(L)'
;MADEERLKEFKEANKIVFDPNTRQVWENQNRDGTKPATTFQSEEDIKRAAPESEKDTSATSGIVPTLQNIVATVTLGCRL
DLKTVALHARNAEYNPKRFAAVIMRIREPKTTALIFASGKMVVTGAKSEDDSKLASRKYARIIQKIGFAAKFTDFKIQNI
VGSCDVKFPIRLEGLAFSHGTFSSYEPELFPGLIYRMVKPKIVLLIFVSGKIVLTGAKQREEIYQAFEAIYPVLSEFRKM
;
K
#
# COMPACT_ATOMS: atom_id res chain seq x y z
N PRO A 38 -38.47 25.33 -12.42
CA PRO A 38 -37.04 25.01 -12.42
C PRO A 38 -36.72 23.73 -11.66
N HIS A 39 -35.45 23.54 -11.30
CA HIS A 39 -35.05 22.40 -10.50
C HIS A 39 -33.85 22.78 -9.65
N ARG A 40 -33.76 22.17 -8.47
CA ARG A 40 -32.70 22.49 -7.52
C ARG A 40 -32.50 21.28 -6.62
N TYR A 41 -31.25 20.85 -6.47
CA TYR A 41 -30.92 19.77 -5.56
C TYR A 41 -30.63 20.28 -4.17
N ARG A 42 -30.90 19.44 -3.17
CA ARG A 42 -30.53 19.77 -1.80
C ARG A 42 -29.02 19.70 -1.66
N PRO A 43 -28.44 20.53 -0.79
CA PRO A 43 -26.98 20.51 -0.62
C PRO A 43 -26.52 19.19 -0.02
N GLY A 44 -25.71 18.45 -0.78
CA GLY A 44 -25.23 17.15 -0.37
C GLY A 44 -25.71 15.95 -1.16
N THR A 45 -26.74 16.05 -2.01
CA THR A 45 -27.06 14.85 -2.79
C THR A 45 -26.11 14.68 -3.98
N VAL A 46 -25.87 15.75 -4.75
CA VAL A 46 -24.92 15.67 -5.86
C VAL A 46 -23.52 15.40 -5.33
N ALA A 47 -23.23 15.85 -4.09
CA ALA A 47 -21.94 15.51 -3.48
C ALA A 47 -21.79 14.01 -3.29
N LEU A 48 -22.83 13.32 -2.83
CA LEU A 48 -22.74 11.86 -2.72
C LEU A 48 -22.71 11.21 -4.10
N ARG A 49 -23.37 11.80 -5.10
CA ARG A 49 -23.27 11.24 -6.44
C ARG A 49 -21.85 11.38 -6.98
N GLU A 50 -21.18 12.48 -6.66
CA GLU A 50 -19.78 12.65 -7.03
C GLU A 50 -18.88 11.70 -6.25
N ILE A 51 -19.22 11.42 -4.99
CA ILE A 51 -18.47 10.45 -4.20
C ILE A 51 -18.54 9.07 -4.85
N ARG A 52 -19.74 8.66 -5.25
CA ARG A 52 -19.92 7.38 -5.91
C ARG A 52 -19.24 7.34 -7.27
N ARG A 53 -19.28 8.46 -8.00
CA ARG A 53 -18.66 8.52 -9.32
C ARG A 53 -17.14 8.40 -9.20
N TYR A 54 -16.53 9.20 -8.32
CA TYR A 54 -15.08 9.22 -8.23
C TYR A 54 -14.52 8.04 -7.44
N GLN A 55 -15.34 7.33 -6.67
CA GLN A 55 -14.89 6.07 -6.11
C GLN A 55 -15.16 4.90 -7.05
N LYS A 56 -16.05 5.07 -8.01
CA LYS A 56 -16.26 4.05 -9.03
C LYS A 56 -15.22 4.12 -10.14
N SER A 57 -14.66 5.29 -10.39
CA SER A 57 -13.77 5.52 -11.52
C SER A 57 -12.31 5.42 -11.09
N THR A 58 -11.42 5.32 -12.07
CA THR A 58 -9.99 5.17 -11.80
C THR A 58 -9.08 6.24 -12.38
N GLU A 59 -9.59 7.27 -13.06
CA GLU A 59 -8.71 8.24 -13.72
C GLU A 59 -7.97 9.10 -12.69
N LEU A 60 -6.98 9.84 -13.18
CA LEU A 60 -6.28 10.80 -12.34
C LEU A 60 -7.11 12.06 -12.22
N LEU A 61 -7.29 12.53 -10.99
CA LEU A 61 -8.19 13.65 -10.72
C LEU A 61 -7.50 15.01 -10.69
N ILE A 62 -6.19 15.04 -10.51
CA ILE A 62 -5.42 16.27 -10.73
C ILE A 62 -5.06 16.31 -12.20
N ARG A 63 -5.07 17.49 -12.80
CA ARG A 63 -4.72 17.62 -14.20
C ARG A 63 -3.21 17.54 -14.38
N LYS A 64 -2.80 17.03 -15.56
CA LYS A 64 -1.43 16.54 -15.71
C LYS A 64 -0.40 17.66 -15.83
N LEU A 65 -0.67 18.69 -16.63
CA LEU A 65 0.32 19.76 -16.83
C LEU A 65 0.54 20.67 -15.61
N PRO A 66 -0.50 21.09 -14.85
CA PRO A 66 -0.18 21.85 -13.63
C PRO A 66 0.59 21.04 -12.61
N PHE A 67 0.29 19.74 -12.51
CA PHE A 67 1.06 18.88 -11.61
C PHE A 67 2.50 18.72 -12.09
N GLN A 68 2.71 18.64 -13.41
CA GLN A 68 4.06 18.52 -13.93
C GLN A 68 4.85 19.81 -13.71
N ARG A 69 4.19 20.97 -13.87
CA ARG A 69 4.85 22.24 -13.58
C ARG A 69 5.21 22.36 -12.11
N LEU A 70 4.33 21.87 -11.24
CA LEU A 70 4.61 21.88 -9.81
C LEU A 70 5.79 20.97 -9.48
N VAL A 71 5.85 19.82 -10.14
CA VAL A 71 6.94 18.87 -9.93
C VAL A 71 8.26 19.48 -10.37
N ARG A 72 8.27 20.16 -11.53
CA ARG A 72 9.51 20.77 -11.99
C ARG A 72 9.96 21.94 -11.12
N GLU A 73 9.02 22.77 -10.63
CA GLU A 73 9.47 23.84 -9.73
C GLU A 73 9.99 23.28 -8.42
N ILE A 74 9.38 22.22 -7.90
CA ILE A 74 9.87 21.65 -6.66
C ILE A 74 11.24 21.02 -6.89
N ALA A 75 11.44 20.39 -8.05
CA ALA A 75 12.72 19.75 -8.30
C ALA A 75 13.81 20.77 -8.59
N GLN A 76 13.41 22.01 -8.91
CA GLN A 76 14.37 23.05 -9.30
C GLN A 76 15.32 23.38 -8.16
N ASP A 77 14.81 23.41 -6.92
CA ASP A 77 15.63 23.68 -5.75
C ASP A 77 16.72 22.62 -5.55
N PHE A 78 16.34 21.34 -5.66
CA PHE A 78 17.28 20.26 -5.39
C PHE A 78 18.42 20.23 -6.41
N LYS A 79 18.10 20.42 -7.68
CA LYS A 79 19.11 20.52 -8.73
C LYS A 79 18.49 21.19 -9.95
N THR A 80 19.35 21.66 -10.84
CA THR A 80 18.98 22.41 -12.03
C THR A 80 19.23 21.62 -13.30
N ASP A 81 18.42 21.91 -14.33
CA ASP A 81 18.42 21.28 -15.66
C ASP A 81 17.90 19.84 -15.64
N LEU A 82 17.03 19.50 -14.70
CA LEU A 82 16.44 18.18 -14.69
C LEU A 82 15.43 17.99 -15.82
N ARG A 83 15.41 16.79 -16.36
CA ARG A 83 14.44 16.39 -17.37
C ARG A 83 13.64 15.26 -16.76
N PHE A 84 12.32 15.30 -16.88
CA PHE A 84 11.51 14.30 -16.21
C PHE A 84 10.90 13.35 -17.23
N GLN A 85 11.11 12.05 -17.02
CA GLN A 85 10.48 11.07 -17.88
C GLN A 85 8.96 11.15 -17.72
N SER A 86 8.23 10.81 -18.78
CA SER A 86 6.77 10.91 -18.71
C SER A 86 6.24 9.97 -17.62
N SER A 87 6.81 8.76 -17.56
CA SER A 87 6.41 7.77 -16.57
C SER A 87 6.72 8.24 -15.17
N ALA A 88 7.81 8.97 -14.98
CA ALA A 88 8.15 9.47 -13.64
C ALA A 88 7.09 10.42 -13.13
N VAL A 89 6.64 11.34 -13.97
CA VAL A 89 5.61 12.28 -13.55
C VAL A 89 4.29 11.56 -13.36
N MET A 90 4.03 10.52 -14.14
CA MET A 90 2.83 9.71 -13.93
C MET A 90 2.88 8.96 -12.61
N ALA A 91 4.07 8.46 -12.25
CA ALA A 91 4.24 7.77 -10.97
C ALA A 91 4.09 8.73 -9.81
N LEU A 92 4.64 9.93 -9.94
CA LEU A 92 4.48 10.94 -8.89
C LEU A 92 3.03 11.34 -8.74
N GLN A 93 2.28 11.37 -9.84
CA GLN A 93 0.88 11.75 -9.75
C GLN A 93 0.04 10.66 -9.12
N GLU A 94 0.27 9.39 -9.48
CA GLU A 94 -0.44 8.29 -8.85
C GLU A 94 -0.15 8.22 -7.36
N ALA A 95 1.13 8.34 -6.98
CA ALA A 95 1.51 8.29 -5.58
C ALA A 95 0.94 9.48 -4.80
N SER A 96 0.98 10.68 -5.38
CA SER A 96 0.49 11.85 -4.68
C SER A 96 -1.02 11.79 -4.50
N GLU A 97 -1.75 11.36 -5.52
CA GLU A 97 -3.20 11.28 -5.36
C GLU A 97 -3.61 10.15 -4.44
N ALA A 98 -2.88 9.03 -4.42
CA ALA A 98 -3.17 7.99 -3.43
C ALA A 98 -2.91 8.48 -2.02
N TYR A 99 -1.82 9.25 -1.83
CA TYR A 99 -1.52 9.83 -0.53
C TYR A 99 -2.62 10.79 -0.10
N LEU A 100 -3.06 11.64 -1.01
CA LEU A 100 -4.08 12.63 -0.66
C LEU A 100 -5.44 11.98 -0.42
N VAL A 101 -5.75 10.93 -1.16
CA VAL A 101 -7.02 10.22 -0.96
C VAL A 101 -7.02 9.51 0.40
N ALA A 102 -5.91 8.86 0.76
CA ALA A 102 -5.85 8.21 2.06
C ALA A 102 -5.86 9.23 3.19
N LEU A 103 -5.23 10.38 2.97
CA LEU A 103 -5.27 11.44 3.97
C LEU A 103 -6.66 12.03 4.10
N PHE A 104 -7.41 12.12 3.01
CA PHE A 104 -8.78 12.62 3.10
C PHE A 104 -9.71 11.60 3.73
N GLU A 105 -9.42 10.31 3.59
CA GLU A 105 -10.19 9.30 4.33
C GLU A 105 -9.93 9.44 5.82
N ASP A 106 -8.67 9.60 6.22
CA ASP A 106 -8.37 9.79 7.64
C ASP A 106 -8.94 11.12 8.15
N THR A 107 -8.90 12.14 7.31
CA THR A 107 -9.47 13.44 7.65
C THR A 107 -10.98 13.33 7.84
N ASN A 108 -11.64 12.52 7.02
CA ASN A 108 -13.08 12.30 7.18
C ASN A 108 -13.38 11.57 8.46
N LEU A 109 -12.53 10.60 8.82
CA LEU A 109 -12.66 9.94 10.12
C LEU A 109 -12.50 10.92 11.27
N CYS A 110 -11.55 11.85 11.16
CA CYS A 110 -11.38 12.88 12.18
C CYS A 110 -12.60 13.77 12.30
N ALA A 111 -13.17 14.16 11.15
CA ALA A 111 -14.31 15.08 11.17
C ALA A 111 -15.55 14.41 11.70
N ILE A 112 -15.79 13.15 11.31
CA ILE A 112 -16.91 12.39 11.86
C ILE A 112 -16.72 12.13 13.34
N HIS A 113 -15.48 11.97 13.78
CA HIS A 113 -15.18 11.78 15.20
C HIS A 113 -15.58 13.00 16.03
N ALA A 114 -15.45 14.20 15.48
CA ALA A 114 -15.81 15.42 16.19
C ALA A 114 -17.27 15.81 16.00
N LYS A 115 -18.12 14.84 15.62
CA LYS A 115 -19.55 15.04 15.37
C LYS A 115 -19.78 16.09 14.28
N ARG A 116 -18.92 16.09 13.27
CA ARG A 116 -19.02 17.02 12.15
C ARG A 116 -19.23 16.24 10.86
N VAL A 117 -19.52 16.98 9.80
CA VAL A 117 -19.58 16.43 8.45
C VAL A 117 -18.54 17.17 7.62
N THR A 118 -18.29 18.43 7.98
CA THR A 118 -17.31 19.24 7.31
C THR A 118 -15.91 18.87 7.79
N ILE A 119 -14.98 18.70 6.87
CA ILE A 119 -13.58 18.49 7.22
C ILE A 119 -12.89 19.84 7.39
N MET A 120 -12.22 20.03 8.51
CA MET A 120 -11.48 21.24 8.81
C MET A 120 -9.99 21.00 8.62
N PRO A 121 -9.18 22.08 8.58
CA PRO A 121 -7.72 21.85 8.53
C PRO A 121 -7.18 21.20 9.79
N LYS A 122 -7.84 21.37 10.93
CA LYS A 122 -7.41 20.69 12.14
C LYS A 122 -7.65 19.19 12.04
N ASP A 123 -8.59 18.76 11.20
CA ASP A 123 -8.77 17.33 10.95
C ASP A 123 -7.57 16.76 10.20
N ILE A 124 -7.08 17.52 9.19
CA ILE A 124 -5.87 17.11 8.48
C ILE A 124 -4.68 17.11 9.41
N GLN A 125 -4.59 18.09 10.32
CA GLN A 125 -3.46 18.13 11.24
C GLN A 125 -3.50 16.97 12.23
N LEU A 126 -4.70 16.60 12.70
CA LEU A 126 -4.82 15.46 13.60
C LEU A 126 -4.50 14.15 12.88
N ALA A 127 -4.95 14.01 11.64
CA ALA A 127 -4.66 12.81 10.88
C ALA A 127 -3.16 12.69 10.59
N ARG A 128 -2.51 13.80 10.26
CA ARG A 128 -1.09 13.74 9.97
C ARG A 128 -0.24 13.60 11.23
N ARG A 129 -0.73 14.02 12.39
CA ARG A 129 0.05 13.80 13.59
C ARG A 129 -0.09 12.37 14.08
N ILE A 130 -1.30 11.80 13.99
CA ILE A 130 -1.49 10.42 14.45
C ILE A 130 -0.81 9.43 13.50
N ARG A 131 -0.73 9.75 12.21
CA ARG A 131 0.02 8.91 11.27
C ARG A 131 1.51 8.89 11.58
N GLY A 132 2.04 9.94 12.19
CA GLY A 132 3.47 10.02 12.46
C GLY A 132 4.22 10.95 11.54
N GLU A 133 3.55 11.90 10.90
CA GLU A 133 4.16 12.80 9.94
C GLU A 133 4.59 14.12 10.57
N ARG A 134 4.13 14.44 11.77
CA ARG A 134 4.53 15.66 12.47
C ARG A 134 5.32 15.31 13.74
N LYS B 20 11.86 26.28 -17.64
CA LYS B 20 12.85 27.32 -17.38
C LYS B 20 12.77 27.80 -15.94
N VAL B 21 11.96 28.83 -15.72
CA VAL B 21 11.63 29.31 -14.38
C VAL B 21 10.12 29.14 -14.18
N LEU B 22 9.74 28.61 -13.02
CA LEU B 22 8.36 28.23 -12.76
C LEU B 22 7.92 28.75 -11.41
N ARG B 23 6.70 29.29 -11.35
CA ARG B 23 6.13 29.80 -10.12
C ARG B 23 4.62 29.81 -10.27
N ASP B 24 3.93 30.01 -9.14
CA ASP B 24 2.48 30.04 -9.03
C ASP B 24 1.84 28.74 -9.55
N ASN B 25 2.51 27.61 -9.31
CA ASN B 25 2.03 26.35 -9.82
C ASN B 25 1.35 25.49 -8.76
N ILE B 26 1.63 25.72 -7.47
CA ILE B 26 0.93 24.98 -6.43
C ILE B 26 -0.55 25.35 -6.42
N GLN B 27 -0.89 26.55 -6.89
CA GLN B 27 -2.27 26.94 -7.09
C GLN B 27 -2.83 26.38 -8.39
N GLY B 28 -1.99 25.72 -9.19
CA GLY B 28 -2.47 24.91 -10.29
C GLY B 28 -3.09 23.60 -9.82
N ILE B 29 -2.83 23.22 -8.59
CA ILE B 29 -3.59 22.16 -7.93
C ILE B 29 -4.84 22.86 -7.42
N THR B 30 -5.86 22.91 -8.27
CA THR B 30 -6.95 23.85 -8.10
C THR B 30 -7.91 23.38 -7.01
N LYS B 31 -8.82 24.28 -6.64
CA LYS B 31 -9.85 23.94 -5.67
C LYS B 31 -10.79 22.82 -6.13
N PRO B 32 -11.23 22.74 -7.40
CA PRO B 32 -12.01 21.56 -7.79
C PRO B 32 -11.20 20.28 -7.80
N ALA B 33 -9.89 20.33 -8.02
CA ALA B 33 -9.08 19.11 -7.98
C ALA B 33 -8.98 18.57 -6.56
N ILE B 34 -8.79 19.46 -5.59
CA ILE B 34 -8.78 19.04 -4.19
C ILE B 34 -10.16 18.52 -3.78
N ARG B 35 -11.22 19.15 -4.30
CA ARG B 35 -12.57 18.66 -4.00
C ARG B 35 -12.82 17.29 -4.61
N ARG B 36 -12.28 17.04 -5.81
CA ARG B 36 -12.38 15.72 -6.42
C ARG B 36 -11.61 14.67 -5.64
N LEU B 37 -10.42 15.01 -5.16
CA LEU B 37 -9.66 14.05 -4.35
C LEU B 37 -10.35 13.78 -3.02
N ALA B 38 -11.05 14.78 -2.48
CA ALA B 38 -11.80 14.55 -1.26
C ALA B 38 -13.04 13.71 -1.54
N ARG B 39 -13.64 13.86 -2.72
CA ARG B 39 -14.78 13.02 -3.07
C ARG B 39 -14.36 11.57 -3.25
N ARG B 40 -13.15 11.34 -3.77
CA ARG B 40 -12.65 9.96 -3.74
C ARG B 40 -12.34 9.52 -2.32
N GLY B 41 -11.91 10.44 -1.46
CA GLY B 41 -11.76 10.11 -0.06
C GLY B 41 -13.04 9.95 0.72
N GLY B 42 -14.20 10.19 0.10
CA GLY B 42 -15.46 9.97 0.80
C GLY B 42 -15.89 11.13 1.64
N VAL B 43 -15.52 12.35 1.27
CA VAL B 43 -15.77 13.54 2.07
C VAL B 43 -17.03 14.21 1.54
N LYS B 44 -18.02 14.37 2.40
CA LYS B 44 -19.31 14.92 1.98
C LYS B 44 -19.28 16.44 1.88
N ARG B 45 -18.44 17.11 2.68
CA ARG B 45 -18.50 18.55 2.81
C ARG B 45 -17.12 19.06 3.23
N ILE B 46 -16.68 20.14 2.59
CA ILE B 46 -15.29 20.60 2.68
C ILE B 46 -15.28 22.04 3.16
N SER B 47 -14.43 22.35 4.12
CA SER B 47 -14.24 23.73 4.53
C SER B 47 -13.48 24.51 3.47
N GLY B 48 -13.54 25.84 3.59
CA GLY B 48 -12.80 26.69 2.67
C GLY B 48 -11.33 26.79 2.95
N LEU B 49 -10.92 26.54 4.20
CA LEU B 49 -9.52 26.57 4.58
C LEU B 49 -8.80 25.26 4.30
N ILE B 50 -9.49 24.27 3.74
CA ILE B 50 -8.89 22.98 3.44
C ILE B 50 -7.87 23.10 2.33
N TYR B 51 -8.14 23.93 1.32
CA TYR B 51 -7.39 23.88 0.08
C TYR B 51 -5.94 24.35 0.26
N GLU B 52 -5.70 25.37 1.07
CA GLU B 52 -4.33 25.79 1.30
C GLU B 52 -3.56 24.79 2.14
N GLU B 53 -4.24 24.16 3.10
CA GLU B 53 -3.61 23.11 3.89
C GLU B 53 -3.25 21.91 3.02
N THR B 54 -4.14 21.53 2.12
CA THR B 54 -3.91 20.40 1.23
C THR B 54 -2.80 20.72 0.24
N ARG B 55 -2.74 21.96 -0.24
CA ARG B 55 -1.64 22.36 -1.11
C ARG B 55 -0.30 22.32 -0.38
N GLY B 56 -0.29 22.73 0.89
CA GLY B 56 0.94 22.62 1.67
C GLY B 56 1.35 21.19 1.94
N VAL B 57 0.37 20.32 2.21
CA VAL B 57 0.65 18.90 2.45
C VAL B 57 1.19 18.25 1.19
N LEU B 58 0.57 18.54 0.05
CA LEU B 58 1.04 17.98 -1.22
C LEU B 58 2.42 18.52 -1.57
N LYS B 59 2.70 19.78 -1.24
CA LYS B 59 4.02 20.32 -1.46
C LYS B 59 5.06 19.62 -0.60
N VAL B 60 4.72 19.33 0.66
CA VAL B 60 5.66 18.63 1.55
C VAL B 60 5.94 17.23 1.05
N PHE B 61 4.88 16.51 0.65
CA PHE B 61 5.03 15.14 0.16
C PHE B 61 5.87 15.12 -1.12
N LEU B 62 5.56 16.03 -2.05
CA LEU B 62 6.30 16.08 -3.30
C LEU B 62 7.74 16.48 -3.07
N GLU B 63 8.02 17.38 -2.11
CA GLU B 63 9.41 17.72 -1.80
C GLU B 63 10.17 16.51 -1.29
N ASN B 64 9.55 15.71 -0.41
CA ASN B 64 10.23 14.53 0.11
C ASN B 64 10.53 13.51 -1.00
N VAL B 65 9.50 13.16 -1.78
CA VAL B 65 9.68 12.14 -2.81
C VAL B 65 10.61 12.64 -3.91
N ILE B 66 10.51 13.92 -4.28
CA ILE B 66 11.31 14.45 -5.35
C ILE B 66 12.76 14.64 -4.90
N ARG B 67 12.98 14.99 -3.63
CA ARG B 67 14.34 15.06 -3.11
C ARG B 67 14.99 13.69 -3.15
N ASP B 68 14.21 12.65 -2.89
CA ASP B 68 14.84 11.33 -2.85
C ASP B 68 15.10 10.88 -4.27
N ALA B 69 14.19 11.21 -5.18
CA ALA B 69 14.32 10.83 -6.57
C ALA B 69 15.53 11.52 -7.20
N VAL B 70 15.73 12.80 -6.86
CA VAL B 70 16.90 13.53 -7.36
C VAL B 70 18.17 12.87 -6.83
N THR B 71 18.18 12.47 -5.55
CA THR B 71 19.41 11.86 -5.02
C THR B 71 19.72 10.56 -5.75
N TYR B 72 18.69 9.77 -6.04
CA TYR B 72 18.88 8.53 -6.80
C TYR B 72 19.37 8.83 -8.21
N THR B 73 18.84 9.89 -8.81
CA THR B 73 19.23 10.30 -10.16
C THR B 73 20.69 10.73 -10.20
N GLU B 74 21.12 11.51 -9.19
CA GLU B 74 22.48 12.01 -9.15
C GLU B 74 23.47 10.88 -8.91
N HIS B 75 23.19 10.03 -7.91
CA HIS B 75 24.02 8.85 -7.66
C HIS B 75 24.28 8.02 -8.91
N ALA B 76 23.32 7.96 -9.83
CA ALA B 76 23.48 7.26 -11.10
C ALA B 76 24.23 8.07 -12.14
N LYS B 77 24.65 9.31 -11.80
CA LYS B 77 25.32 10.24 -12.71
C LYS B 77 24.48 10.54 -13.94
N ARG B 78 23.16 10.58 -13.77
CA ARG B 78 22.25 10.88 -14.86
C ARG B 78 21.71 12.30 -14.71
N LYS B 79 20.93 12.74 -15.68
CA LYS B 79 20.29 14.05 -15.61
C LYS B 79 18.81 13.99 -15.90
N THR B 80 18.23 12.81 -16.12
CA THR B 80 16.80 12.65 -16.28
C THR B 80 16.26 11.72 -15.20
N VAL B 81 15.22 12.16 -14.51
CA VAL B 81 14.69 11.37 -13.40
C VAL B 81 13.80 10.29 -13.99
N THR B 82 14.24 9.04 -13.91
CA THR B 82 13.51 7.93 -14.48
C THR B 82 12.36 7.51 -13.57
N ALA B 83 11.47 6.69 -14.12
CA ALA B 83 10.34 6.18 -13.35
C ALA B 83 10.85 5.32 -12.21
N MET B 84 11.93 4.56 -12.47
CA MET B 84 12.50 3.66 -11.48
C MET B 84 12.96 4.45 -10.27
N ASP B 85 13.52 5.63 -10.51
CA ASP B 85 14.04 6.46 -9.42
C ASP B 85 12.93 6.89 -8.50
N VAL B 86 11.78 7.28 -9.08
CA VAL B 86 10.61 7.64 -8.29
C VAL B 86 10.10 6.43 -7.51
N VAL B 87 10.11 5.25 -8.15
CA VAL B 87 9.55 4.07 -7.52
C VAL B 87 10.41 3.66 -6.33
N TYR B 88 11.73 3.76 -6.49
CA TYR B 88 12.64 3.51 -5.37
C TYR B 88 12.53 4.58 -4.31
N ALA B 89 12.26 5.83 -4.70
CA ALA B 89 12.11 6.90 -3.72
C ALA B 89 10.84 6.74 -2.90
N LEU B 90 9.83 6.10 -3.47
CA LEU B 90 8.61 5.82 -2.73
C LEU B 90 8.68 4.55 -1.92
N LYS B 91 9.44 3.55 -2.40
CA LYS B 91 9.68 2.36 -1.59
C LYS B 91 10.58 2.68 -0.40
N ARG B 92 11.48 3.66 -0.55
CA ARG B 92 12.34 4.09 0.55
C ARG B 92 11.55 4.75 1.67
N GLN B 93 10.37 5.30 1.36
CA GLN B 93 9.53 5.99 2.32
C GLN B 93 8.35 5.15 2.78
N GLY B 94 8.29 3.89 2.38
CA GLY B 94 7.16 3.05 2.74
C GLY B 94 5.88 3.38 2.00
N ARG B 95 5.99 3.92 0.80
CA ARG B 95 4.83 4.24 -0.03
C ARG B 95 4.91 3.46 -1.33
N THR B 96 5.18 2.16 -1.23
CA THR B 96 5.47 1.28 -2.37
C THR B 96 4.40 1.39 -3.45
N LEU B 97 4.85 1.55 -4.69
CA LEU B 97 3.97 1.85 -5.82
C LEU B 97 4.16 0.79 -6.89
N TYR B 98 3.07 0.13 -7.26
CA TYR B 98 3.10 -0.93 -8.25
C TYR B 98 2.65 -0.39 -9.60
N GLY B 99 3.30 -0.85 -10.67
CA GLY B 99 2.88 -0.52 -12.01
C GLY B 99 3.79 0.38 -12.81
N PHE B 100 5.02 0.61 -12.35
CA PHE B 100 5.95 1.44 -13.11
C PHE B 100 7.33 0.80 -13.24
N GLY B 101 7.49 -0.43 -12.79
CA GLY B 101 8.75 -1.15 -12.92
C GLY B 101 9.17 -1.78 -11.61
N GLY B 102 10.27 -2.53 -11.69
CA GLY B 102 10.79 -3.25 -10.55
C GLY B 102 12.09 -3.97 -10.87
N ARG C 11 58.51 -4.67 7.16
CA ARG C 11 57.30 -4.42 7.93
C ARG C 11 57.42 -3.29 8.94
N ALA C 12 56.93 -2.11 8.56
CA ALA C 12 56.98 -0.96 9.45
C ALA C 12 55.92 -1.10 10.54
N LYS C 13 55.95 -0.19 11.51
CA LYS C 13 54.93 -0.16 12.56
C LYS C 13 53.53 -0.08 11.95
N ALA C 14 52.67 -1.01 12.35
CA ALA C 14 51.34 -1.14 11.77
C ALA C 14 50.45 -0.02 12.30
N LYS C 15 50.42 1.10 11.57
CA LYS C 15 49.54 2.19 11.93
C LYS C 15 48.09 1.77 11.70
N THR C 16 47.27 1.88 12.74
CA THR C 16 45.85 1.54 12.60
C THR C 16 45.17 2.47 11.60
N ARG C 17 44.38 1.87 10.71
CA ARG C 17 43.63 2.59 9.69
C ARG C 17 42.78 3.72 10.26
N SER C 18 42.19 3.51 11.45
CA SER C 18 41.37 4.53 12.09
C SER C 18 42.17 5.80 12.38
N SER C 19 43.42 5.64 12.82
CA SER C 19 44.28 6.80 13.09
C SER C 19 44.57 7.57 11.81
N ARG C 20 44.77 6.86 10.69
CA ARG C 20 45.02 7.51 9.40
C ARG C 20 43.86 8.41 9.02
N ALA C 21 42.65 7.85 8.97
CA ALA C 21 41.45 8.63 8.67
C ALA C 21 41.14 9.67 9.73
N GLY C 22 41.80 9.63 10.89
CA GLY C 22 41.51 10.56 11.97
C GLY C 22 40.19 10.26 12.66
N LEU C 23 39.86 8.99 12.85
CA LEU C 23 38.61 8.59 13.44
C LEU C 23 38.86 7.82 14.72
N GLN C 24 37.87 7.84 15.62
CA GLN C 24 37.89 6.94 16.77
C GLN C 24 37.20 5.62 16.47
N PHE C 25 36.24 5.61 15.55
CA PHE C 25 35.49 4.40 15.26
C PHE C 25 36.31 3.48 14.37
N PRO C 26 36.17 2.15 14.53
CA PRO C 26 37.10 1.23 13.85
C PRO C 26 36.73 1.10 12.38
N VAL C 27 37.64 1.53 11.51
CA VAL C 27 37.37 1.37 10.09
C VAL C 27 37.54 -0.08 9.68
N GLY C 28 38.47 -0.79 10.33
CA GLY C 28 38.70 -2.19 9.98
C GLY C 28 37.53 -3.09 10.37
N ARG C 29 36.93 -2.82 11.53
CA ARG C 29 35.77 -3.59 11.96
C ARG C 29 34.58 -3.31 11.05
N VAL C 30 34.40 -2.06 10.64
CA VAL C 30 33.33 -1.70 9.73
C VAL C 30 33.54 -2.35 8.37
N HIS C 31 34.80 -2.43 7.92
CA HIS C 31 35.10 -3.12 6.67
C HIS C 31 34.82 -4.61 6.78
N ARG C 32 35.16 -5.22 7.92
CA ARG C 32 34.88 -6.64 8.10
C ARG C 32 33.39 -6.91 8.14
N LEU C 33 32.62 -6.01 8.76
CA LEU C 33 31.18 -6.19 8.80
C LEU C 33 30.54 -5.95 7.46
N LEU C 34 31.08 -5.03 6.66
CA LEU C 34 30.58 -4.82 5.31
C LEU C 34 30.89 -6.01 4.42
N ARG C 35 32.04 -6.66 4.61
CA ARG C 35 32.36 -7.81 3.78
C ARG C 35 31.60 -9.05 4.22
N LYS C 36 31.42 -9.25 5.52
CA LYS C 36 30.72 -10.41 6.04
C LYS C 36 29.21 -10.24 6.11
N GLY C 37 28.71 -9.02 5.88
CA GLY C 37 27.28 -8.78 5.92
C GLY C 37 26.54 -9.07 4.65
N ASN C 38 27.25 -9.48 3.59
CA ASN C 38 26.69 -9.73 2.26
C ASN C 38 25.96 -8.51 1.72
N TYR C 39 26.54 -7.33 1.90
CA TYR C 39 25.91 -6.13 1.37
C TYR C 39 26.17 -5.98 -0.12
N ALA C 40 27.37 -6.33 -0.58
CA ALA C 40 27.64 -6.42 -2.01
C ALA C 40 28.71 -7.46 -2.24
N GLU C 41 29.01 -7.71 -3.52
CA GLU C 41 30.10 -8.62 -3.86
C GLU C 41 31.44 -8.05 -3.46
N ARG C 42 31.64 -6.75 -3.64
CA ARG C 42 32.89 -6.09 -3.32
C ARG C 42 32.61 -4.85 -2.49
N VAL C 43 33.63 -4.41 -1.75
CA VAL C 43 33.54 -3.24 -0.89
C VAL C 43 34.74 -2.37 -1.17
N GLY C 44 34.49 -1.12 -1.58
CA GLY C 44 35.56 -0.18 -1.86
C GLY C 44 36.37 0.17 -0.62
N ALA C 45 37.52 0.79 -0.86
CA ALA C 45 38.42 1.10 0.25
C ALA C 45 37.92 2.28 1.06
N GLY C 46 37.31 3.27 0.42
CA GLY C 46 36.83 4.44 1.13
C GLY C 46 35.48 4.28 1.77
N ALA C 47 34.77 3.19 1.47
CA ALA C 47 33.44 3.00 2.02
C ALA C 47 33.46 2.76 3.53
N PRO C 48 34.32 1.90 4.11
CA PRO C 48 34.34 1.81 5.58
C PRO C 48 34.86 3.06 6.24
N VAL C 49 35.72 3.84 5.57
CA VAL C 49 36.19 5.09 6.13
C VAL C 49 35.05 6.09 6.23
N TYR C 50 34.29 6.24 5.14
CA TYR C 50 33.13 7.12 5.13
C TYR C 50 32.10 6.68 6.15
N LEU C 51 31.84 5.37 6.23
CA LEU C 51 30.79 4.87 7.11
C LEU C 51 31.19 5.01 8.58
N ALA C 52 32.46 4.76 8.91
CA ALA C 52 32.92 4.96 10.27
C ALA C 52 32.92 6.44 10.64
N ALA C 53 33.19 7.32 9.68
CA ALA C 53 33.11 8.76 9.96
C ALA C 53 31.67 9.18 10.25
N VAL C 54 30.71 8.64 9.49
CA VAL C 54 29.31 8.98 9.71
C VAL C 54 28.83 8.44 11.06
N LEU C 55 29.24 7.21 11.40
CA LEU C 55 28.84 6.63 12.69
C LEU C 55 29.45 7.42 13.84
N GLU C 56 30.71 7.85 13.69
CA GLU C 56 31.33 8.65 14.74
C GLU C 56 30.67 10.02 14.87
N TYR C 57 30.26 10.63 13.75
CA TYR C 57 29.59 11.92 13.84
C TYR C 57 28.23 11.80 14.53
N LEU C 58 27.46 10.76 14.18
CA LEU C 58 26.14 10.62 14.79
C LEU C 58 26.25 10.25 16.26
N THR C 59 27.22 9.40 16.61
CA THR C 59 27.50 9.09 18.01
C THR C 59 27.91 10.35 18.77
N ALA C 60 28.75 11.20 18.16
CA ALA C 60 29.20 12.41 18.82
C ALA C 60 28.05 13.39 19.02
N GLU C 61 27.13 13.46 18.05
CA GLU C 61 25.98 14.35 18.19
C GLU C 61 25.08 13.91 19.33
N ILE C 62 24.73 12.62 19.36
CA ILE C 62 23.85 12.12 20.43
C ILE C 62 24.55 12.21 21.78
N LEU C 63 25.83 11.89 21.85
CA LEU C 63 26.52 11.93 23.14
C LEU C 63 26.72 13.36 23.62
N GLU C 64 26.91 14.32 22.71
CA GLU C 64 26.98 15.72 23.10
C GLU C 64 25.65 16.19 23.68
N LEU C 65 24.55 15.89 22.98
CA LEU C 65 23.25 16.33 23.49
C LEU C 65 22.86 15.58 24.76
N ALA C 66 23.29 14.34 24.91
CA ALA C 66 22.98 13.59 26.12
C ALA C 66 23.82 14.05 27.30
N GLY C 67 25.07 14.45 27.05
CA GLY C 67 25.85 15.06 28.11
C GLY C 67 25.31 16.40 28.53
N ASN C 68 24.78 17.17 27.57
CA ASN C 68 24.10 18.41 27.91
C ASN C 68 22.85 18.15 28.75
N ALA C 69 22.06 17.14 28.39
CA ALA C 69 20.86 16.83 29.17
C ALA C 69 21.20 16.30 30.56
N ALA C 70 22.28 15.52 30.67
CA ALA C 70 22.71 15.02 31.97
C ALA C 70 23.26 16.14 32.84
N ARG C 71 23.93 17.12 32.24
CA ARG C 71 24.40 18.27 33.00
C ARG C 71 23.23 19.16 33.43
N ASP C 72 22.21 19.28 32.57
CA ASP C 72 21.02 20.04 32.94
C ASP C 72 20.21 19.33 34.02
N ASN C 73 20.30 18.01 34.09
CA ASN C 73 19.72 17.26 35.20
C ASN C 73 20.69 17.12 36.36
N LYS C 74 21.87 17.76 36.27
CA LYS C 74 22.92 17.72 37.29
C LYS C 74 23.30 16.27 37.66
N LYS C 75 23.46 15.45 36.62
CA LYS C 75 23.96 14.09 36.77
C LYS C 75 25.31 13.98 36.08
N THR C 76 26.11 13.01 36.52
CA THR C 76 27.39 12.78 35.87
C THR C 76 27.32 11.71 34.79
N ARG C 77 26.77 10.55 35.11
CA ARG C 77 26.63 9.48 34.12
C ARG C 77 25.44 9.75 33.22
N ILE C 78 25.57 9.33 31.96
CA ILE C 78 24.44 9.35 31.05
C ILE C 78 23.64 8.07 31.25
N ILE C 79 22.34 8.22 31.50
CA ILE C 79 21.44 7.10 31.64
C ILE C 79 20.57 7.05 30.39
N PRO C 80 19.75 6.01 30.18
CA PRO C 80 18.84 6.00 29.03
C PRO C 80 17.88 7.19 28.97
N ARG C 81 17.49 7.73 30.12
CA ARG C 81 16.60 8.90 30.13
C ARG C 81 17.27 10.10 29.46
N HIS C 82 18.58 10.25 29.63
CA HIS C 82 19.26 11.38 29.02
C HIS C 82 19.41 11.20 27.51
N LEU C 83 19.65 9.97 27.06
CA LEU C 83 19.65 9.72 25.63
C LEU C 83 18.28 9.93 25.01
N GLN C 84 17.22 9.54 25.73
CA GLN C 84 15.87 9.75 25.22
C GLN C 84 15.54 11.23 25.13
N LEU C 85 15.91 12.01 26.16
CA LEU C 85 15.69 13.45 26.11
C LEU C 85 16.49 14.10 24.99
N ALA C 86 17.73 13.64 24.79
CA ALA C 86 18.56 14.17 23.71
C ALA C 86 17.94 13.88 22.34
N VAL C 87 17.43 12.66 22.15
CA VAL C 87 16.90 12.30 20.84
C VAL C 87 15.57 12.99 20.59
N ARG C 88 14.66 12.94 21.57
CA ARG C 88 13.34 13.51 21.36
C ARG C 88 13.33 15.04 21.43
N ASN C 89 14.37 15.66 21.96
CA ASN C 89 14.42 17.12 21.98
C ASN C 89 15.05 17.71 20.73
N ASP C 90 15.92 16.96 20.06
CA ASP C 90 16.41 17.38 18.75
C ASP C 90 15.35 17.14 17.69
N GLU C 91 15.33 18.03 16.70
CA GLU C 91 14.36 17.92 15.62
C GLU C 91 14.72 16.79 14.68
N GLU C 92 15.96 16.77 14.21
CA GLU C 92 16.36 15.80 13.19
C GLU C 92 16.67 14.43 13.77
N LEU C 93 17.10 14.37 15.02
CA LEU C 93 17.28 13.06 15.65
C LEU C 93 15.94 12.40 15.94
N ASN C 94 14.89 13.19 16.17
CA ASN C 94 13.57 12.61 16.32
C ASN C 94 13.04 12.09 14.99
N LYS C 95 13.46 12.69 13.87
CA LYS C 95 13.09 12.15 12.57
C LYS C 95 13.90 10.91 12.23
N LEU C 96 15.16 10.85 12.67
CA LEU C 96 15.97 9.67 12.39
C LEU C 96 15.54 8.49 13.24
N LEU C 97 15.13 8.75 14.47
CA LEU C 97 14.72 7.71 15.42
C LEU C 97 13.24 7.84 15.75
N GLY C 98 12.40 8.06 14.74
CA GLY C 98 10.98 8.20 14.98
C GLY C 98 10.29 6.88 15.24
N ARG C 99 10.78 5.81 14.63
CA ARG C 99 10.22 4.47 14.83
C ARG C 99 11.18 3.63 15.67
N VAL C 100 11.71 4.25 16.73
CA VAL C 100 12.69 3.61 17.60
C VAL C 100 12.27 3.84 19.05
N THR C 101 12.19 2.75 19.81
CA THR C 101 11.92 2.80 21.24
C THR C 101 13.23 2.68 22.00
N ILE C 102 13.54 3.69 22.81
CA ILE C 102 14.69 3.62 23.71
C ILE C 102 14.19 3.08 25.05
N ALA C 103 14.73 1.94 25.47
CA ALA C 103 14.28 1.31 26.70
C ALA C 103 14.69 2.14 27.92
N GLN C 104 13.81 2.15 28.92
CA GLN C 104 13.98 2.91 30.16
C GLN C 104 14.18 4.40 29.89
N GLY C 105 13.54 4.92 28.84
CA GLY C 105 13.76 6.29 28.44
C GLY C 105 12.62 7.21 28.82
N GLY C 106 11.42 6.64 29.01
CA GLY C 106 10.30 7.48 29.35
C GLY C 106 9.81 8.28 28.15
N VAL C 107 9.20 9.43 28.45
CA VAL C 107 8.67 10.33 27.42
C VAL C 107 9.11 11.74 27.71
N LEU C 108 8.82 12.63 26.78
CA LEU C 108 9.00 14.06 26.99
C LEU C 108 7.88 14.59 27.89
N PRO C 109 8.20 15.45 28.85
CA PRO C 109 7.15 16.00 29.72
C PRO C 109 6.26 16.99 28.99
N ASN C 110 5.25 16.47 28.28
CA ASN C 110 4.35 17.29 27.49
C ASN C 110 2.91 17.08 27.92
N ILE C 111 2.26 18.14 28.38
CA ILE C 111 0.86 18.13 28.72
C ILE C 111 0.14 19.06 27.76
N GLN C 112 -1.01 18.61 27.27
CA GLN C 112 -1.79 19.40 26.33
C GLN C 112 -2.40 20.61 27.02
N SER C 113 -2.66 21.66 26.22
CA SER C 113 -3.03 22.94 26.79
C SER C 113 -4.45 22.93 27.34
N VAL C 114 -5.34 22.12 26.75
CA VAL C 114 -6.73 22.08 27.19
C VAL C 114 -6.88 21.36 28.53
N LEU C 115 -5.87 20.63 28.98
CA LEU C 115 -5.92 19.99 30.28
C LEU C 115 -5.42 20.87 31.40
N LEU C 116 -4.63 21.89 31.09
CA LEU C 116 -4.19 22.83 32.10
C LEU C 116 -5.36 23.73 32.51
N PRO C 117 -5.47 24.09 33.78
CA PRO C 117 -6.68 24.74 34.26
C PRO C 117 -6.64 26.24 33.98
N LYS C 118 -7.67 26.95 34.46
CA LYS C 118 -7.63 28.40 34.62
C LYS C 118 -6.38 28.84 35.36
N ARG D 27 36.93 -17.04 28.45
CA ARG D 27 36.32 -18.35 28.21
C ARG D 27 35.18 -18.23 27.19
N LYS D 28 34.30 -17.27 27.42
CA LYS D 28 33.14 -17.08 26.55
C LYS D 28 33.55 -16.43 25.24
N THR D 29 32.62 -16.43 24.28
CA THR D 29 32.88 -15.89 22.95
C THR D 29 33.18 -14.40 23.03
N ARG D 30 34.20 -13.97 22.29
CA ARG D 30 34.64 -12.58 22.27
C ARG D 30 33.67 -11.77 21.41
N LYS D 31 32.46 -11.58 21.94
CA LYS D 31 31.43 -10.78 21.27
C LYS D 31 31.92 -9.38 20.92
N GLU D 32 31.77 -9.04 19.64
CA GLU D 32 32.15 -7.73 19.15
C GLU D 32 31.21 -6.67 19.70
N SER D 33 31.74 -5.48 19.97
CA SER D 33 30.89 -4.39 20.46
C SER D 33 31.59 -3.06 20.26
N TYR D 34 30.79 -2.01 20.03
CA TYR D 34 31.27 -0.65 19.85
C TYR D 34 31.41 0.10 21.17
N ALA D 35 31.55 -0.59 22.29
CA ALA D 35 31.50 0.07 23.59
C ALA D 35 32.70 0.99 23.81
N ILE D 36 33.89 0.55 23.42
CA ILE D 36 35.07 1.36 23.67
C ILE D 36 35.13 2.56 22.74
N TYR D 37 34.56 2.45 21.54
CA TYR D 37 34.60 3.58 20.62
C TYR D 37 33.60 4.66 21.00
N VAL D 38 32.41 4.25 21.46
CA VAL D 38 31.45 5.21 21.99
C VAL D 38 32.00 5.86 23.24
N TYR D 39 32.75 5.10 24.06
CA TYR D 39 33.36 5.69 25.25
C TYR D 39 34.46 6.69 24.87
N LYS D 40 35.24 6.38 23.84
CA LYS D 40 36.28 7.31 23.39
C LYS D 40 35.69 8.58 22.82
N VAL D 41 34.59 8.46 22.06
CA VAL D 41 33.95 9.65 21.51
C VAL D 41 33.31 10.47 22.62
N LEU D 42 32.77 9.81 23.65
CA LEU D 42 32.20 10.53 24.78
C LEU D 42 33.27 11.30 25.54
N LYS D 43 34.42 10.66 25.78
CA LYS D 43 35.52 11.36 26.43
C LYS D 43 36.13 12.43 25.55
N GLN D 44 35.97 12.32 24.22
CA GLN D 44 36.43 13.37 23.34
C GLN D 44 35.52 14.59 23.41
N VAL D 45 34.21 14.37 23.52
CA VAL D 45 33.27 15.49 23.55
C VAL D 45 32.88 15.92 24.96
N HIS D 46 33.10 15.08 25.97
CA HIS D 46 32.74 15.40 27.35
C HIS D 46 33.70 14.66 28.26
N PRO D 47 34.85 15.27 28.59
CA PRO D 47 35.94 14.50 29.22
C PRO D 47 35.68 14.10 30.66
N ASP D 48 34.61 14.59 31.29
CA ASP D 48 34.27 14.21 32.65
C ASP D 48 32.94 13.45 32.76
N THR D 49 32.06 13.59 31.77
CA THR D 49 30.79 12.86 31.77
C THR D 49 31.04 11.39 31.46
N GLY D 50 30.41 10.51 32.24
CA GLY D 50 30.42 9.10 31.97
C GLY D 50 29.12 8.59 31.40
N ILE D 51 28.99 7.26 31.37
CA ILE D 51 27.85 6.62 30.74
C ILE D 51 27.55 5.29 31.43
N SER D 52 26.27 5.02 31.64
CA SER D 52 25.84 3.77 32.28
C SER D 52 26.04 2.59 31.33
N SER D 53 25.73 1.38 31.83
CA SER D 53 25.84 0.19 31.00
C SER D 53 24.62 0.03 30.09
N LYS D 54 23.44 0.34 30.59
CA LYS D 54 22.24 0.27 29.76
C LYS D 54 22.28 1.33 28.68
N ALA D 55 22.78 2.51 29.01
CA ALA D 55 22.97 3.56 28.01
C ALA D 55 24.04 3.16 27.01
N MET D 56 25.05 2.41 27.46
CA MET D 56 26.07 1.90 26.54
C MET D 56 25.49 0.86 25.59
N SER D 57 24.56 0.03 26.08
CA SER D 57 23.92 -0.93 25.20
C SER D 57 22.98 -0.24 24.22
N ILE D 58 22.33 0.85 24.64
CA ILE D 58 21.50 1.62 23.74
C ILE D 58 22.36 2.28 22.66
N MET D 59 23.54 2.79 23.03
CA MET D 59 24.42 3.39 22.04
C MET D 59 24.97 2.34 21.08
N ASN D 60 25.27 1.14 21.59
CA ASN D 60 25.77 0.07 20.74
C ASN D 60 24.71 -0.38 19.74
N SER D 61 23.46 -0.51 20.20
CA SER D 61 22.40 -0.92 19.29
C SER D 61 22.02 0.21 18.35
N PHE D 62 22.23 1.46 18.76
CA PHE D 62 22.02 2.59 17.85
C PHE D 62 23.02 2.55 16.71
N VAL D 63 24.29 2.34 17.03
CA VAL D 63 25.33 2.26 16.01
C VAL D 63 25.09 1.08 15.09
N ASN D 64 24.67 -0.07 15.66
CA ASN D 64 24.35 -1.23 14.82
C ASN D 64 23.16 -0.95 13.91
N ASP D 65 22.15 -0.24 14.41
CA ASP D 65 20.96 0.05 13.61
C ASP D 65 21.27 1.02 12.49
N VAL D 66 22.01 2.09 12.78
CA VAL D 66 22.36 3.05 11.74
C VAL D 66 23.34 2.44 10.73
N PHE D 67 24.23 1.56 11.20
CA PHE D 67 25.11 0.82 10.30
C PHE D 67 24.29 -0.05 9.35
N GLU D 68 23.31 -0.78 9.90
CA GLU D 68 22.49 -1.64 9.06
C GLU D 68 21.63 -0.85 8.10
N ARG D 69 21.16 0.34 8.49
CA ARG D 69 20.39 1.19 7.59
C ARG D 69 21.24 1.71 6.44
N ILE D 70 22.41 2.27 6.75
CA ILE D 70 23.25 2.86 5.72
C ILE D 70 23.81 1.78 4.80
N ALA D 71 24.22 0.64 5.37
CA ALA D 71 24.72 -0.44 4.54
C ALA D 71 23.62 -1.09 3.70
N GLY D 72 22.40 -1.18 4.23
CA GLY D 72 21.30 -1.69 3.44
C GLY D 72 20.95 -0.79 2.27
N GLU D 73 20.94 0.52 2.50
CA GLU D 73 20.64 1.42 1.41
C GLU D 73 21.80 1.54 0.44
N ALA D 74 23.04 1.33 0.91
CA ALA D 74 24.17 1.26 -0.02
C ALA D 74 24.10 0.00 -0.87
N SER D 75 23.63 -1.10 -0.29
CA SER D 75 23.40 -2.32 -1.07
C SER D 75 22.32 -2.11 -2.11
N ARG D 76 21.23 -1.45 -1.72
CA ARG D 76 20.17 -1.12 -2.67
C ARG D 76 20.70 -0.23 -3.80
N LEU D 77 21.50 0.78 -3.46
CA LEU D 77 22.07 1.68 -4.48
C LEU D 77 23.00 0.93 -5.43
N ALA D 78 23.75 -0.04 -4.90
CA ALA D 78 24.61 -0.84 -5.77
C ALA D 78 23.80 -1.77 -6.65
N HIS D 79 22.68 -2.29 -6.16
CA HIS D 79 21.84 -3.17 -6.97
C HIS D 79 21.03 -2.41 -8.01
N TYR D 80 20.62 -1.17 -7.71
CA TYR D 80 19.80 -0.41 -8.65
C TYR D 80 20.62 0.03 -9.86
N ASN D 81 21.89 0.34 -9.66
CA ASN D 81 22.78 0.78 -10.72
C ASN D 81 23.59 -0.37 -11.30
N LYS D 82 23.26 -1.61 -10.92
CA LYS D 82 23.86 -2.83 -11.46
C LYS D 82 25.38 -2.86 -11.26
N ARG D 83 25.83 -2.37 -10.11
CA ARG D 83 27.23 -2.40 -9.73
C ARG D 83 27.43 -3.40 -8.61
N SER D 84 28.66 -3.91 -8.52
CA SER D 84 28.99 -4.94 -7.55
C SER D 84 29.82 -4.42 -6.38
N THR D 85 30.28 -3.18 -6.43
CA THR D 85 31.15 -2.62 -5.41
C THR D 85 30.40 -1.54 -4.65
N ILE D 86 30.47 -1.60 -3.33
CA ILE D 86 30.04 -0.49 -2.48
C ILE D 86 31.23 0.45 -2.34
N THR D 87 31.12 1.63 -2.92
CA THR D 87 32.15 2.64 -2.82
C THR D 87 31.75 3.68 -1.78
N SER D 88 32.56 4.72 -1.65
CA SER D 88 32.19 5.82 -0.76
C SER D 88 31.10 6.70 -1.35
N ARG D 89 30.87 6.62 -2.66
CA ARG D 89 29.75 7.34 -3.26
C ARG D 89 28.43 6.72 -2.86
N GLU D 90 28.37 5.39 -2.80
CA GLU D 90 27.16 4.71 -2.34
C GLU D 90 26.88 5.02 -0.88
N ILE D 91 27.93 5.09 -0.06
CA ILE D 91 27.75 5.41 1.35
C ILE D 91 27.31 6.87 1.51
N GLN D 92 27.87 7.75 0.69
CA GLN D 92 27.50 9.17 0.76
C GLN D 92 26.05 9.39 0.34
N THR D 93 25.61 8.71 -0.73
CA THR D 93 24.23 8.85 -1.15
C THR D 93 23.28 8.19 -0.16
N ALA D 94 23.66 7.05 0.42
CA ALA D 94 22.81 6.42 1.43
C ALA D 94 22.71 7.25 2.69
N VAL D 95 23.77 8.00 3.04
CA VAL D 95 23.69 8.91 4.17
C VAL D 95 22.78 10.08 3.83
N ARG D 96 22.89 10.61 2.60
CA ARG D 96 22.03 11.70 2.18
C ARG D 96 20.56 11.28 2.05
N LEU D 97 20.30 9.98 1.88
CA LEU D 97 18.93 9.48 1.85
C LEU D 97 18.39 9.24 3.25
N LEU D 98 19.16 8.56 4.10
CA LEU D 98 18.69 8.25 5.45
C LEU D 98 18.55 9.51 6.30
N LEU D 99 19.63 10.29 6.41
CA LEU D 99 19.63 11.29 7.46
C LEU D 99 18.92 12.56 6.99
N PRO D 100 18.23 13.24 7.89
CA PRO D 100 17.61 14.53 7.56
C PRO D 100 18.65 15.62 7.31
N GLY D 101 18.16 16.74 6.78
CA GLY D 101 18.94 17.74 6.06
C GLY D 101 20.25 18.25 6.61
N GLU D 102 20.21 19.02 7.70
CA GLU D 102 21.45 19.60 8.23
C GLU D 102 22.32 18.51 8.85
N LEU D 103 21.68 17.51 9.45
CA LEU D 103 22.39 16.34 9.97
C LEU D 103 23.11 15.61 8.84
N ALA D 104 22.43 15.43 7.71
CA ALA D 104 23.04 14.73 6.58
C ALA D 104 24.16 15.53 5.95
N LYS D 105 24.02 16.86 5.87
CA LYS D 105 25.12 17.64 5.29
C LYS D 105 26.35 17.60 6.18
N HIS D 106 26.18 17.70 7.51
CA HIS D 106 27.37 17.61 8.36
C HIS D 106 27.95 16.21 8.36
N ALA D 107 27.12 15.17 8.20
CA ALA D 107 27.66 13.81 8.15
C ALA D 107 28.41 13.57 6.85
N VAL D 108 27.93 14.17 5.75
CA VAL D 108 28.63 14.10 4.48
C VAL D 108 29.95 14.85 4.56
N SER D 109 29.96 16.00 5.26
CA SER D 109 31.21 16.75 5.44
C SER D 109 32.22 15.94 6.24
N GLU D 110 31.78 15.27 7.31
CA GLU D 110 32.69 14.46 8.12
C GLU D 110 33.23 13.28 7.31
N GLY D 111 32.36 12.63 6.52
CA GLY D 111 32.80 11.50 5.73
C GLY D 111 33.76 11.90 4.63
N THR D 112 33.52 13.05 3.98
CA THR D 112 34.43 13.49 2.94
C THR D 112 35.78 13.91 3.53
N LYS D 113 35.78 14.58 4.69
CA LYS D 113 37.05 14.91 5.33
C LYS D 113 37.82 13.65 5.72
N ALA D 114 37.13 12.63 6.22
CA ALA D 114 37.84 11.42 6.62
C ALA D 114 38.34 10.63 5.42
N VAL D 115 37.58 10.58 4.32
CA VAL D 115 38.09 9.85 3.15
C VAL D 115 39.26 10.58 2.50
N THR D 116 39.22 11.93 2.49
CA THR D 116 40.39 12.67 1.98
C THR D 116 41.59 12.49 2.88
N LYS D 117 41.39 12.44 4.20
CA LYS D 117 42.51 12.21 5.10
C LYS D 117 43.05 10.79 4.96
N TYR D 118 42.19 9.83 4.63
CA TYR D 118 42.65 8.47 4.40
C TYR D 118 43.39 8.33 3.09
N THR D 119 43.00 9.10 2.08
CA THR D 119 43.69 9.01 0.79
C THR D 119 44.99 9.80 0.80
N SER D 120 45.08 10.86 1.62
CA SER D 120 46.33 11.59 1.73
C SER D 120 47.41 10.74 2.40
N ALA D 121 47.03 9.96 3.40
CA ALA D 121 47.89 8.94 3.96
C ALA D 121 47.89 7.71 3.05
N LYS D 122 48.70 6.72 3.41
CA LYS D 122 48.83 5.51 2.61
C LYS D 122 47.67 4.55 2.88
N PRO E 38 -11.82 18.26 57.04
CA PRO E 38 -11.00 17.47 56.12
C PRO E 38 -10.32 18.32 55.05
N HIS E 39 -9.86 17.68 53.98
CA HIS E 39 -9.25 18.38 52.86
C HIS E 39 -9.53 17.60 51.58
N ARG E 40 -9.63 18.32 50.48
CA ARG E 40 -10.02 17.71 49.22
C ARG E 40 -9.46 18.52 48.06
N TYR E 41 -8.82 17.83 47.11
CA TYR E 41 -8.33 18.45 45.90
C TYR E 41 -9.42 18.46 44.83
N ARG E 42 -9.33 19.42 43.92
CA ARG E 42 -10.25 19.46 42.80
C ARG E 42 -9.95 18.29 41.85
N PRO E 43 -10.98 17.72 41.23
CA PRO E 43 -10.76 16.57 40.33
C PRO E 43 -9.95 16.98 39.10
N GLY E 44 -8.77 16.38 38.96
CA GLY E 44 -7.86 16.72 37.89
C GLY E 44 -6.58 17.41 38.31
N THR E 45 -6.48 17.92 39.55
CA THR E 45 -5.22 18.51 39.98
C THR E 45 -4.19 17.47 40.37
N VAL E 46 -4.57 16.52 41.24
CA VAL E 46 -3.65 15.43 41.58
C VAL E 46 -3.43 14.55 40.35
N ALA E 47 -4.42 14.48 39.46
CA ALA E 47 -4.24 13.75 38.20
C ALA E 47 -3.16 14.40 37.35
N LEU E 48 -3.18 15.73 37.25
CA LEU E 48 -2.14 16.42 36.48
C LEU E 48 -0.77 16.30 37.16
N ARG E 49 -0.76 16.30 38.49
CA ARG E 49 0.51 16.10 39.19
C ARG E 49 1.02 14.68 38.98
N GLU E 50 0.11 13.72 38.89
CA GLU E 50 0.49 12.34 38.57
C GLU E 50 1.00 12.23 37.13
N ILE E 51 0.43 13.03 36.22
CA ILE E 51 0.94 13.10 34.85
C ILE E 51 2.38 13.58 34.86
N ARG E 52 2.65 14.63 35.63
CA ARG E 52 4.00 15.16 35.73
C ARG E 52 4.95 14.14 36.37
N ARG E 53 4.45 13.40 37.35
CA ARG E 53 5.27 12.40 38.03
C ARG E 53 5.65 11.27 37.08
N TYR E 54 4.67 10.72 36.36
CA TYR E 54 4.95 9.58 35.50
C TYR E 54 5.58 9.97 34.18
N GLN E 55 5.54 11.24 33.80
CA GLN E 55 6.34 11.70 32.68
C GLN E 55 7.75 12.08 33.10
N LYS E 56 7.97 12.32 34.40
CA LYS E 56 9.31 12.55 34.88
C LYS E 56 10.07 11.25 35.09
N SER E 57 9.37 10.15 35.35
CA SER E 57 10.02 8.90 35.73
C SER E 57 10.21 7.99 34.53
N THR E 58 11.05 6.97 34.72
CA THR E 58 11.38 6.00 33.68
C THR E 58 11.01 4.57 34.05
N GLU E 59 10.37 4.36 35.20
CA GLU E 59 10.09 3.03 35.70
C GLU E 59 9.06 2.31 34.82
N LEU E 60 8.94 1.00 35.02
CA LEU E 60 7.92 0.23 34.34
C LEU E 60 6.61 0.38 35.11
N LEU E 61 5.53 0.69 34.39
CA LEU E 61 4.27 1.00 35.05
C LEU E 61 3.36 -0.21 35.19
N ILE E 62 3.56 -1.25 34.40
CA ILE E 62 2.94 -2.54 34.63
C ILE E 62 3.84 -3.33 35.57
N ARG E 63 3.25 -4.09 36.48
CA ARG E 63 4.04 -4.90 37.39
C ARG E 63 4.59 -6.12 36.66
N LYS E 64 5.81 -6.51 37.03
CA LYS E 64 6.57 -7.52 36.28
C LYS E 64 5.86 -8.87 36.20
N LEU E 65 5.56 -9.49 37.35
CA LEU E 65 4.96 -10.84 37.31
C LEU E 65 3.61 -10.96 36.62
N PRO E 66 2.63 -10.04 36.75
CA PRO E 66 1.41 -10.20 35.95
C PRO E 66 1.66 -10.08 34.45
N PHE E 67 2.58 -9.20 34.06
CA PHE E 67 2.94 -9.10 32.65
C PHE E 67 3.64 -10.36 32.17
N GLN E 68 4.49 -10.95 33.02
CA GLN E 68 5.19 -12.17 32.63
C GLN E 68 4.22 -13.32 32.49
N ARG E 69 3.23 -13.41 33.39
CA ARG E 69 2.19 -14.43 33.26
C ARG E 69 1.38 -14.21 31.99
N LEU E 70 1.11 -12.96 31.64
CA LEU E 70 0.38 -12.66 30.41
C LEU E 70 1.19 -13.07 29.18
N VAL E 71 2.50 -12.80 29.20
CA VAL E 71 3.36 -13.17 28.08
C VAL E 71 3.41 -14.68 27.92
N ARG E 72 3.49 -15.41 29.03
CA ARG E 72 3.61 -16.86 28.93
C ARG E 72 2.28 -17.48 28.51
N GLU E 73 1.16 -16.94 29.00
CA GLU E 73 -0.15 -17.43 28.59
C GLU E 73 -0.34 -17.21 27.09
N ILE E 74 0.05 -16.03 26.61
CA ILE E 74 -0.13 -15.70 25.20
C ILE E 74 0.77 -16.61 24.36
N ALA E 75 1.98 -16.89 24.85
CA ALA E 75 2.93 -17.71 24.11
C ALA E 75 2.51 -19.17 24.05
N GLN E 76 1.75 -19.63 25.06
CA GLN E 76 1.40 -21.04 25.19
C GLN E 76 0.70 -21.60 23.96
N ASP E 77 -0.23 -20.83 23.37
CA ASP E 77 -0.97 -21.35 22.21
C ASP E 77 -0.07 -21.55 21.00
N PHE E 78 0.93 -20.68 20.81
CA PHE E 78 1.80 -20.78 19.63
C PHE E 78 2.65 -22.04 19.71
N LYS E 79 3.30 -22.27 20.83
CA LYS E 79 4.05 -23.50 21.04
C LYS E 79 4.04 -23.84 22.52
N THR E 80 3.86 -25.13 22.82
CA THR E 80 3.85 -25.61 24.18
C THR E 80 5.28 -25.72 24.70
N ASP E 81 5.44 -25.70 26.03
CA ASP E 81 6.73 -25.88 26.71
C ASP E 81 7.79 -24.90 26.20
N LEU E 82 7.50 -23.61 26.37
CA LEU E 82 8.45 -22.57 26.04
C LEU E 82 9.01 -21.94 27.30
N ARG E 83 10.30 -21.62 27.26
CA ARG E 83 10.97 -20.82 28.27
C ARG E 83 11.18 -19.41 27.76
N PHE E 84 11.49 -18.51 28.68
CA PHE E 84 11.74 -17.11 28.36
C PHE E 84 12.95 -16.66 29.16
N GLN E 85 13.91 -16.02 28.49
CA GLN E 85 14.91 -15.25 29.22
C GLN E 85 14.27 -14.08 29.94
N SER E 86 14.94 -13.60 31.00
CA SER E 86 14.41 -12.48 31.75
C SER E 86 14.44 -11.23 30.89
N SER E 87 15.50 -11.10 30.07
CA SER E 87 15.66 -9.91 29.25
C SER E 87 14.58 -9.87 28.18
N ALA E 88 14.12 -11.05 27.74
CA ALA E 88 13.05 -11.10 26.75
C ALA E 88 11.78 -10.51 27.34
N VAL E 89 11.44 -10.91 28.56
CA VAL E 89 10.21 -10.41 29.19
C VAL E 89 10.35 -8.92 29.44
N MET E 90 11.57 -8.47 29.79
CA MET E 90 11.74 -7.05 30.08
C MET E 90 11.58 -6.26 28.79
N ALA E 91 12.12 -6.80 27.68
CA ALA E 91 12.06 -6.11 26.40
C ALA E 91 10.62 -6.00 25.94
N LEU E 92 9.84 -7.08 26.16
CA LEU E 92 8.42 -7.04 25.84
C LEU E 92 7.70 -6.00 26.69
N GLN E 93 8.09 -5.86 27.95
CA GLN E 93 7.47 -4.83 28.77
C GLN E 93 7.78 -3.44 28.24
N GLU E 94 9.05 -3.17 27.89
CA GLU E 94 9.40 -1.83 27.43
C GLU E 94 8.72 -1.52 26.10
N ALA E 95 8.57 -2.53 25.24
CA ALA E 95 7.89 -2.32 23.97
C ALA E 95 6.39 -2.15 24.15
N SER E 96 5.79 -2.96 25.03
CA SER E 96 4.35 -2.88 25.24
C SER E 96 3.97 -1.55 25.89
N GLU E 97 4.77 -1.11 26.87
CA GLU E 97 4.46 0.16 27.52
C GLU E 97 4.75 1.34 26.62
N ALA E 98 5.79 1.27 25.78
CA ALA E 98 6.00 2.35 24.83
C ALA E 98 4.87 2.42 23.81
N TYR E 99 4.39 1.26 23.35
CA TYR E 99 3.26 1.22 22.43
C TYR E 99 2.01 1.79 23.08
N LEU E 100 1.72 1.40 24.31
CA LEU E 100 0.50 1.84 24.97
C LEU E 100 0.59 3.32 25.34
N VAL E 101 1.77 3.80 25.71
CA VAL E 101 1.92 5.22 26.02
C VAL E 101 1.76 6.07 24.76
N ALA E 102 2.35 5.65 23.63
CA ALA E 102 2.17 6.39 22.39
C ALA E 102 0.73 6.33 21.90
N LEU E 103 0.06 5.20 22.13
CA LEU E 103 -1.34 5.09 21.79
C LEU E 103 -2.20 5.97 22.66
N PHE E 104 -1.83 6.14 23.94
CA PHE E 104 -2.59 7.04 24.80
C PHE E 104 -2.32 8.50 24.48
N GLU E 105 -1.14 8.83 23.97
CA GLU E 105 -0.92 10.19 23.47
C GLU E 105 -1.78 10.47 22.25
N ASP E 106 -1.84 9.51 21.31
CA ASP E 106 -2.70 9.71 20.14
C ASP E 106 -4.17 9.73 20.53
N THR E 107 -4.55 8.89 21.50
CA THR E 107 -5.91 8.89 22.03
C THR E 107 -6.25 10.21 22.69
N ASN E 108 -5.29 10.81 23.38
CA ASN E 108 -5.49 12.11 24.00
C ASN E 108 -5.67 13.17 22.94
N LEU E 109 -4.90 13.10 21.85
CA LEU E 109 -5.11 14.01 20.72
C LEU E 109 -6.50 13.84 20.12
N CYS E 110 -6.99 12.60 20.03
CA CYS E 110 -8.36 12.38 19.55
C CYS E 110 -9.38 13.01 20.49
N ALA E 111 -9.18 12.87 21.80
CA ALA E 111 -10.15 13.38 22.76
C ALA E 111 -10.15 14.91 22.79
N ILE E 112 -8.97 15.52 22.73
CA ILE E 112 -8.88 16.97 22.64
C ILE E 112 -9.46 17.47 21.33
N HIS E 113 -9.33 16.69 20.26
CA HIS E 113 -9.91 17.06 18.97
C HIS E 113 -11.44 17.12 19.03
N ALA E 114 -12.07 16.24 19.81
CA ALA E 114 -13.51 16.20 19.93
C ALA E 114 -14.04 17.10 21.05
N LYS E 115 -13.24 18.10 21.46
CA LYS E 115 -13.58 19.04 22.54
C LYS E 115 -13.88 18.32 23.85
N ARG E 116 -13.15 17.25 24.12
CA ARG E 116 -13.28 16.48 25.34
C ARG E 116 -11.96 16.50 26.10
N VAL E 117 -11.99 16.01 27.34
CA VAL E 117 -10.77 15.78 28.10
C VAL E 117 -10.74 14.29 28.44
N THR E 118 -11.92 13.68 28.55
CA THR E 118 -12.01 12.26 28.84
C THR E 118 -11.76 11.49 27.57
N ILE E 119 -10.91 10.47 27.65
CA ILE E 119 -10.67 9.58 26.52
C ILE E 119 -11.71 8.48 26.52
N MET E 120 -12.35 8.27 25.38
CA MET E 120 -13.35 7.22 25.20
C MET E 120 -12.75 6.08 24.42
N PRO E 121 -13.40 4.92 24.39
CA PRO E 121 -12.91 3.83 23.52
C PRO E 121 -12.96 4.16 22.04
N LYS E 122 -13.86 5.05 21.63
CA LYS E 122 -13.88 5.48 20.23
C LYS E 122 -12.67 6.33 19.89
N ASP E 123 -12.05 6.98 20.89
CA ASP E 123 -10.80 7.67 20.66
C ASP E 123 -9.67 6.69 20.37
N ILE E 124 -9.63 5.57 21.10
CA ILE E 124 -8.65 4.52 20.83
C ILE E 124 -8.89 3.92 19.45
N GLN E 125 -10.16 3.73 19.08
CA GLN E 125 -10.47 3.16 17.77
C GLN E 125 -10.06 4.10 16.64
N LEU E 126 -10.27 5.41 16.82
CA LEU E 126 -9.84 6.36 15.82
C LEU E 126 -8.32 6.44 15.73
N ALA E 127 -7.64 6.38 16.88
CA ALA E 127 -6.18 6.41 16.86
C ALA E 127 -5.61 5.18 16.18
N ARG E 128 -6.20 4.02 16.41
CA ARG E 128 -5.71 2.80 15.77
C ARG E 128 -6.09 2.72 14.31
N ARG E 129 -7.16 3.40 13.89
CA ARG E 129 -7.50 3.40 12.47
C ARG E 129 -6.62 4.37 11.69
N ILE E 130 -6.31 5.53 12.27
CA ILE E 130 -5.50 6.51 11.55
C ILE E 130 -4.04 6.06 11.45
N ARG E 131 -3.53 5.36 12.48
CA ARG E 131 -2.18 4.80 12.37
C ARG E 131 -2.09 3.71 11.30
N GLY E 132 -3.20 3.04 11.01
CA GLY E 132 -3.20 1.96 10.05
C GLY E 132 -3.26 0.57 10.66
N GLU E 133 -3.70 0.44 11.91
CA GLU E 133 -3.77 -0.84 12.59
C GLU E 133 -5.14 -1.48 12.51
N ARG E 134 -6.17 -0.72 12.14
CA ARG E 134 -7.51 -1.27 12.05
C ARG E 134 -8.30 -0.49 10.99
N ASP F 24 -7.31 -16.47 33.76
CA ASP F 24 -7.45 -15.15 33.15
C ASP F 24 -6.49 -14.09 33.72
N ASN F 25 -5.25 -14.15 33.27
CA ASN F 25 -4.23 -13.21 33.71
C ASN F 25 -4.21 -11.93 32.88
N ILE F 26 -5.04 -11.84 31.84
CA ILE F 26 -5.19 -10.58 31.11
C ILE F 26 -5.78 -9.52 32.01
N GLN F 27 -6.58 -9.93 33.00
CA GLN F 27 -7.11 -9.00 33.98
C GLN F 27 -6.00 -8.48 34.89
N GLY F 28 -4.93 -9.28 35.07
CA GLY F 28 -3.75 -8.86 35.81
C GLY F 28 -3.10 -7.59 35.31
N ILE F 29 -3.42 -7.14 34.10
CA ILE F 29 -3.06 -5.81 33.66
C ILE F 29 -4.10 -4.89 34.27
N THR F 30 -3.82 -4.40 35.46
CA THR F 30 -4.86 -3.85 36.32
C THR F 30 -5.29 -2.47 35.85
N LYS F 31 -6.44 -2.03 36.36
CA LYS F 31 -6.90 -0.67 36.14
C LYS F 31 -5.92 0.40 36.63
N PRO F 32 -5.25 0.28 37.78
CA PRO F 32 -4.18 1.25 38.10
C PRO F 32 -3.03 1.23 37.11
N ALA F 33 -2.68 0.08 36.55
CA ALA F 33 -1.58 0.04 35.58
C ALA F 33 -1.95 0.76 34.30
N ILE F 34 -3.20 0.58 33.85
CA ILE F 34 -3.67 1.28 32.65
C ILE F 34 -3.76 2.78 32.93
N ARG F 35 -4.13 3.14 34.16
CA ARG F 35 -4.16 4.55 34.54
C ARG F 35 -2.75 5.15 34.58
N ARG F 36 -1.76 4.36 35.01
CA ARG F 36 -0.38 4.81 35.00
C ARG F 36 0.14 5.00 33.58
N LEU F 37 -0.20 4.08 32.69
CA LEU F 37 0.20 4.21 31.29
C LEU F 37 -0.45 5.43 30.65
N ALA F 38 -1.71 5.70 30.99
CA ALA F 38 -2.36 6.88 30.43
C ALA F 38 -1.81 8.17 31.03
N ARG F 39 -1.42 8.16 32.30
CA ARG F 39 -0.78 9.34 32.89
C ARG F 39 0.57 9.62 32.23
N ARG F 40 1.31 8.56 31.90
CA ARG F 40 2.54 8.78 31.13
C ARG F 40 2.23 9.24 29.72
N GLY F 41 1.09 8.83 29.16
CA GLY F 41 0.62 9.37 27.92
C GLY F 41 -0.01 10.74 27.99
N GLY F 42 -0.06 11.36 29.16
CA GLY F 42 -0.61 12.70 29.29
C GLY F 42 -2.12 12.78 29.26
N VAL F 43 -2.81 11.74 29.74
CA VAL F 43 -4.26 11.68 29.73
C VAL F 43 -4.78 12.15 31.08
N LYS F 44 -5.65 13.16 31.06
CA LYS F 44 -6.19 13.71 32.31
C LYS F 44 -7.32 12.86 32.86
N ARG F 45 -8.35 12.62 32.06
CA ARG F 45 -9.54 11.91 32.50
C ARG F 45 -9.73 10.66 31.65
N ILE F 46 -10.14 9.57 32.29
CA ILE F 46 -10.18 8.25 31.66
C ILE F 46 -11.58 7.68 31.84
N SER F 47 -12.21 7.29 30.74
CA SER F 47 -13.52 6.65 30.83
C SER F 47 -13.37 5.23 31.37
N GLY F 48 -14.49 4.67 31.83
CA GLY F 48 -14.43 3.36 32.45
C GLY F 48 -14.40 2.20 31.48
N LEU F 49 -14.73 2.44 30.21
CA LEU F 49 -14.65 1.43 29.18
C LEU F 49 -13.29 1.38 28.50
N ILE F 50 -12.35 2.23 28.94
CA ILE F 50 -11.02 2.29 28.35
C ILE F 50 -10.22 1.04 28.68
N TYR F 51 -10.48 0.43 29.84
CA TYR F 51 -9.59 -0.59 30.36
C TYR F 51 -9.73 -1.92 29.61
N GLU F 52 -10.95 -2.33 29.27
CA GLU F 52 -11.10 -3.60 28.55
C GLU F 52 -10.60 -3.47 27.11
N GLU F 53 -10.82 -2.33 26.46
CA GLU F 53 -10.28 -2.13 25.13
C GLU F 53 -8.75 -2.07 25.15
N THR F 54 -8.19 -1.42 26.18
CA THR F 54 -6.73 -1.34 26.27
C THR F 54 -6.14 -2.71 26.54
N ARG F 55 -6.83 -3.54 27.31
CA ARG F 55 -6.36 -4.92 27.53
C ARG F 55 -6.43 -5.73 26.24
N GLY F 56 -7.50 -5.53 25.46
CA GLY F 56 -7.58 -6.20 24.17
C GLY F 56 -6.52 -5.75 23.18
N VAL F 57 -6.24 -4.44 23.17
CA VAL F 57 -5.20 -3.88 22.30
C VAL F 57 -3.84 -4.43 22.69
N LEU F 58 -3.56 -4.48 23.99
CA LEU F 58 -2.29 -5.01 24.47
C LEU F 58 -2.17 -6.49 24.16
N LYS F 59 -3.27 -7.23 24.25
CA LYS F 59 -3.24 -8.64 23.92
C LYS F 59 -3.01 -8.86 22.42
N VAL F 60 -3.54 -7.97 21.57
CA VAL F 60 -3.30 -8.09 20.14
C VAL F 60 -1.84 -7.77 19.81
N PHE F 61 -1.31 -6.71 20.41
CA PHE F 61 0.10 -6.34 20.21
C PHE F 61 1.01 -7.46 20.67
N LEU F 62 0.77 -8.00 21.86
CA LEU F 62 1.60 -9.08 22.37
C LEU F 62 1.43 -10.35 21.56
N GLU F 63 0.23 -10.61 21.03
CA GLU F 63 0.06 -11.78 20.17
C GLU F 63 0.90 -11.67 18.92
N ASN F 64 0.91 -10.49 18.28
CA ASN F 64 1.74 -10.30 17.09
C ASN F 64 3.22 -10.45 17.40
N VAL F 65 3.68 -9.75 18.45
CA VAL F 65 5.11 -9.74 18.76
C VAL F 65 5.57 -11.12 19.23
N ILE F 66 4.78 -11.77 20.09
CA ILE F 66 5.13 -13.09 20.59
C ILE F 66 5.05 -14.13 19.49
N ARG F 67 4.11 -13.99 18.53
CA ARG F 67 4.06 -14.91 17.41
C ARG F 67 5.32 -14.81 16.57
N ASP F 68 5.77 -13.58 16.29
CA ASP F 68 6.98 -13.44 15.51
C ASP F 68 8.22 -13.89 16.29
N ALA F 69 8.24 -13.66 17.61
CA ALA F 69 9.39 -14.07 18.41
C ALA F 69 9.46 -15.59 18.54
N VAL F 70 8.32 -16.26 18.65
CA VAL F 70 8.31 -17.71 18.72
C VAL F 70 8.63 -18.30 17.36
N THR F 71 8.29 -17.60 16.28
CA THR F 71 8.73 -18.02 14.96
C THR F 71 10.26 -17.94 14.83
N TYR F 72 10.84 -16.83 15.31
CA TYR F 72 12.30 -16.70 15.34
C TYR F 72 12.95 -17.74 16.24
N THR F 73 12.27 -18.15 17.30
CA THR F 73 12.82 -19.16 18.21
C THR F 73 12.79 -20.55 17.58
N GLU F 74 11.65 -20.91 16.99
CA GLU F 74 11.52 -22.21 16.34
C GLU F 74 12.44 -22.34 15.14
N HIS F 75 12.75 -21.22 14.46
CA HIS F 75 13.68 -21.31 13.35
C HIS F 75 15.09 -21.66 13.79
N ALA F 76 15.51 -21.19 14.97
CA ALA F 76 16.83 -21.51 15.48
C ALA F 76 16.90 -22.86 16.17
N LYS F 77 15.80 -23.62 16.15
CA LYS F 77 15.66 -24.89 16.85
C LYS F 77 15.91 -24.75 18.35
N ARG F 78 15.54 -23.61 18.92
CA ARG F 78 15.66 -23.38 20.35
C ARG F 78 14.32 -23.58 21.01
N LYS F 79 14.34 -23.64 22.34
CA LYS F 79 13.12 -23.71 23.12
C LYS F 79 12.96 -22.59 24.12
N THR F 80 13.98 -21.74 24.29
CA THR F 80 13.86 -20.53 25.10
C THR F 80 13.72 -19.34 24.17
N VAL F 81 12.80 -18.45 24.50
CA VAL F 81 12.65 -17.20 23.76
C VAL F 81 13.66 -16.21 24.29
N THR F 82 14.70 -15.93 23.51
CA THR F 82 15.69 -14.98 23.98
C THR F 82 15.21 -13.56 23.73
N ALA F 83 15.96 -12.59 24.27
CA ALA F 83 15.61 -11.19 24.08
C ALA F 83 15.90 -10.75 22.66
N MET F 84 16.86 -11.39 22.00
CA MET F 84 17.18 -11.05 20.62
C MET F 84 16.06 -11.43 19.68
N ASP F 85 15.32 -12.51 19.96
CA ASP F 85 14.17 -12.85 19.15
C ASP F 85 13.08 -11.79 19.27
N VAL F 86 12.89 -11.26 20.48
CA VAL F 86 11.89 -10.22 20.69
C VAL F 86 12.33 -8.93 20.00
N VAL F 87 13.63 -8.65 20.00
CA VAL F 87 14.15 -7.45 19.37
C VAL F 87 14.01 -7.55 17.85
N TYR F 88 14.29 -8.72 17.28
CA TYR F 88 14.14 -8.91 15.84
C TYR F 88 12.68 -8.87 15.44
N ALA F 89 11.80 -9.42 16.30
CA ALA F 89 10.37 -9.37 16.04
C ALA F 89 9.85 -7.95 16.06
N LEU F 90 10.42 -7.12 16.93
CA LEU F 90 10.01 -5.72 16.97
C LEU F 90 10.51 -4.95 15.76
N LYS F 91 11.75 -5.23 15.31
CA LYS F 91 12.22 -4.59 14.08
C LYS F 91 11.42 -5.01 12.86
N ARG F 92 10.92 -6.25 12.82
CA ARG F 92 10.07 -6.66 11.70
C ARG F 92 8.76 -5.87 11.66
N GLN F 93 8.17 -5.60 12.82
CA GLN F 93 7.01 -4.69 12.86
C GLN F 93 7.35 -3.25 12.53
N GLY F 94 8.61 -2.86 12.63
CA GLY F 94 8.96 -1.46 12.58
C GLY F 94 8.90 -0.75 13.91
N ARG F 95 9.03 -1.47 15.01
CA ARG F 95 9.04 -0.90 16.36
C ARG F 95 10.38 -1.15 17.01
N THR F 96 11.46 -0.87 16.29
CA THR F 96 12.85 -1.06 16.70
C THR F 96 13.07 -0.62 18.15
N LEU F 97 13.74 -1.46 18.91
CA LEU F 97 13.91 -1.27 20.35
C LEU F 97 15.39 -1.31 20.69
N TYR F 98 15.86 -0.27 21.36
CA TYR F 98 17.26 -0.18 21.75
C TYR F 98 17.41 -0.63 23.20
N GLY F 99 18.52 -1.30 23.50
CA GLY F 99 18.86 -1.63 24.86
C GLY F 99 18.80 -3.10 25.21
N PHE F 100 18.58 -3.98 24.24
CA PHE F 100 18.58 -5.41 24.50
C PHE F 100 19.33 -6.13 23.40
N GLY F 101 20.43 -5.54 22.94
CA GLY F 101 21.15 -6.09 21.82
C GLY F 101 20.62 -5.60 20.50
N GLY F 102 21.23 -6.08 19.43
CA GLY F 102 20.82 -5.74 18.08
C GLY F 102 21.95 -5.89 17.08
N ARG G 11 19.04 -38.90 -22.95
CA ARG G 11 20.23 -38.54 -22.20
C ARG G 11 19.89 -37.22 -21.49
N ALA G 12 18.61 -37.11 -21.14
CA ALA G 12 18.02 -35.95 -20.45
C ALA G 12 18.30 -34.65 -21.20
N LYS G 13 18.12 -34.68 -22.52
CA LYS G 13 18.37 -33.51 -23.35
C LYS G 13 17.45 -32.34 -22.98
N ALA G 14 16.17 -32.62 -22.75
CA ALA G 14 15.22 -31.58 -22.38
C ALA G 14 14.64 -31.92 -21.01
N LYS G 15 14.83 -31.01 -20.05
CA LYS G 15 14.32 -31.13 -18.70
C LYS G 15 14.59 -29.82 -17.98
N THR G 16 13.69 -29.43 -17.09
CA THR G 16 13.81 -28.20 -16.32
C THR G 16 13.46 -28.51 -14.88
N ARG G 17 13.73 -27.55 -13.99
CA ARG G 17 13.49 -27.76 -12.56
C ARG G 17 12.05 -27.50 -12.20
N SER G 18 11.42 -26.52 -12.85
CA SER G 18 10.03 -26.21 -12.59
C SER G 18 9.12 -27.40 -12.89
N SER G 19 9.43 -28.13 -13.96
CA SER G 19 8.66 -29.34 -14.28
C SER G 19 8.82 -30.41 -13.20
N ARG G 20 10.04 -30.58 -12.68
CA ARG G 20 10.26 -31.56 -11.62
C ARG G 20 9.50 -31.18 -10.35
N ALA G 21 9.49 -29.89 -10.02
CA ALA G 21 8.75 -29.40 -8.87
C ALA G 21 7.30 -29.11 -9.19
N GLY G 22 6.84 -29.51 -10.36
CA GLY G 22 5.47 -29.26 -10.80
C GLY G 22 5.09 -27.80 -10.77
N LEU G 23 6.01 -26.93 -11.17
CA LEU G 23 5.78 -25.50 -11.13
C LEU G 23 5.86 -24.91 -12.53
N GLN G 24 5.16 -23.80 -12.71
CA GLN G 24 5.28 -22.91 -13.85
C GLN G 24 6.28 -21.78 -13.61
N PHE G 25 6.51 -21.39 -12.36
CA PHE G 25 7.40 -20.27 -12.10
C PHE G 25 8.85 -20.76 -12.19
N PRO G 26 9.77 -19.93 -12.68
CA PRO G 26 11.11 -20.42 -13.01
C PRO G 26 11.97 -20.62 -11.76
N VAL G 27 12.34 -21.87 -11.49
CA VAL G 27 13.23 -22.14 -10.37
C VAL G 27 14.66 -21.72 -10.72
N GLY G 28 14.94 -21.55 -12.01
CA GLY G 28 16.27 -21.17 -12.43
C GLY G 28 16.44 -19.68 -12.27
N ARG G 29 15.43 -18.90 -12.69
CA ARG G 29 15.55 -17.46 -12.55
C ARG G 29 15.52 -17.08 -11.07
N VAL G 30 14.62 -17.69 -10.31
CA VAL G 30 14.53 -17.41 -8.87
C VAL G 30 15.85 -17.75 -8.19
N HIS G 31 16.48 -18.87 -8.60
CA HIS G 31 17.77 -19.25 -8.02
C HIS G 31 18.87 -18.26 -8.40
N ARG G 32 18.86 -17.80 -9.65
CA ARG G 32 19.86 -16.81 -10.07
C ARG G 32 19.65 -15.49 -9.35
N LEU G 33 18.40 -15.10 -9.13
CA LEU G 33 18.14 -13.85 -8.42
C LEU G 33 18.50 -13.95 -6.95
N LEU G 34 18.33 -15.14 -6.35
CA LEU G 34 18.75 -15.35 -4.97
C LEU G 34 20.26 -15.33 -4.84
N ARG G 35 20.98 -15.84 -5.84
CA ARG G 35 22.44 -15.82 -5.73
C ARG G 35 23.01 -14.46 -6.09
N LYS G 36 22.43 -13.77 -7.07
CA LYS G 36 22.92 -12.47 -7.50
C LYS G 36 22.39 -11.32 -6.66
N GLY G 37 21.44 -11.58 -5.76
CA GLY G 37 20.90 -10.56 -4.90
C GLY G 37 21.70 -10.28 -3.66
N ASN G 38 22.78 -11.03 -3.45
CA ASN G 38 23.63 -10.96 -2.25
C ASN G 38 22.81 -11.15 -0.97
N TYR G 39 21.89 -12.10 -1.01
CA TYR G 39 21.10 -12.38 0.18
C TYR G 39 21.88 -13.21 1.19
N ALA G 40 22.67 -14.17 0.71
CA ALA G 40 23.61 -14.87 1.59
C ALA G 40 24.81 -15.31 0.77
N GLU G 41 25.78 -15.91 1.46
CA GLU G 41 26.96 -16.42 0.78
C GLU G 41 26.61 -17.60 -0.11
N ARG G 42 25.72 -18.48 0.35
CA ARG G 42 25.31 -19.65 -0.40
C ARG G 42 23.80 -19.75 -0.40
N VAL G 43 23.26 -20.48 -1.37
CA VAL G 43 21.83 -20.69 -1.52
C VAL G 43 21.57 -22.18 -1.69
N GLY G 44 20.76 -22.74 -0.79
CA GLY G 44 20.43 -24.15 -0.85
C GLY G 44 19.64 -24.51 -2.08
N ALA G 45 19.54 -25.82 -2.34
CA ALA G 45 18.88 -26.28 -3.55
C ALA G 45 17.37 -26.19 -3.46
N GLY G 46 16.80 -26.43 -2.28
CA GLY G 46 15.36 -26.37 -2.15
C GLY G 46 14.78 -24.99 -1.92
N ALA G 47 15.65 -24.00 -1.66
CA ALA G 47 15.15 -22.65 -1.39
C ALA G 47 14.51 -21.98 -2.60
N PRO G 48 15.09 -22.02 -3.82
CA PRO G 48 14.35 -21.43 -4.95
C PRO G 48 13.11 -22.21 -5.32
N VAL G 49 13.08 -23.52 -5.06
CA VAL G 49 11.89 -24.31 -5.33
C VAL G 49 10.76 -23.89 -4.41
N TYR G 50 11.05 -23.80 -3.10
CA TYR G 50 10.06 -23.39 -2.11
C TYR G 50 9.59 -21.97 -2.41
N LEU G 51 10.52 -21.07 -2.75
CA LEU G 51 10.19 -19.67 -2.96
C LEU G 51 9.38 -19.46 -4.23
N ALA G 52 9.70 -20.20 -5.30
CA ALA G 52 8.89 -20.13 -6.51
C ALA G 52 7.50 -20.68 -6.27
N ALA G 53 7.39 -21.70 -5.40
CA ALA G 53 6.06 -22.20 -5.06
C ALA G 53 5.25 -21.16 -4.29
N VAL G 54 5.90 -20.43 -3.38
CA VAL G 54 5.19 -19.41 -2.60
C VAL G 54 4.77 -18.26 -3.50
N LEU G 55 5.64 -17.85 -4.43
CA LEU G 55 5.30 -16.78 -5.36
C LEU G 55 4.17 -17.22 -6.28
N GLU G 56 4.19 -18.48 -6.69
CA GLU G 56 3.12 -19.04 -7.52
C GLU G 56 1.80 -19.08 -6.78
N TYR G 57 1.82 -19.42 -5.50
CA TYR G 57 0.59 -19.45 -4.72
C TYR G 57 0.02 -18.06 -4.55
N LEU G 58 0.87 -17.07 -4.25
CA LEU G 58 0.38 -15.73 -4.04
C LEU G 58 -0.16 -15.12 -5.33
N THR G 59 0.52 -15.40 -6.46
CA THR G 59 0.03 -15.00 -7.77
C THR G 59 -1.31 -15.67 -8.08
N ALA G 60 -1.45 -16.95 -7.72
CA ALA G 60 -2.71 -17.64 -7.99
C ALA G 60 -3.85 -17.09 -7.15
N GLU G 61 -3.57 -16.71 -5.90
CA GLU G 61 -4.62 -16.13 -5.04
C GLU G 61 -5.07 -14.77 -5.57
N ILE G 62 -4.12 -13.88 -5.88
CA ILE G 62 -4.48 -12.56 -6.36
C ILE G 62 -5.17 -12.65 -7.73
N LEU G 63 -4.69 -13.53 -8.61
CA LEU G 63 -5.30 -13.63 -9.94
C LEU G 63 -6.66 -14.29 -9.88
N GLU G 64 -6.87 -15.22 -8.94
CA GLU G 64 -8.18 -15.82 -8.75
C GLU G 64 -9.18 -14.75 -8.29
N LEU G 65 -8.81 -13.96 -7.28
CA LEU G 65 -9.73 -12.95 -6.80
C LEU G 65 -9.94 -11.84 -7.83
N ALA G 66 -8.93 -11.57 -8.65
CA ALA G 66 -9.09 -10.55 -9.69
C ALA G 66 -9.95 -11.08 -10.83
N GLY G 67 -9.85 -12.36 -11.15
CA GLY G 67 -10.74 -12.94 -12.14
C GLY G 67 -12.18 -13.00 -11.66
N ASN G 68 -12.39 -13.23 -10.37
CA ASN G 68 -13.75 -13.18 -9.83
C ASN G 68 -14.30 -11.75 -9.88
N ALA G 69 -13.45 -10.77 -9.56
CA ALA G 69 -13.88 -9.37 -9.65
C ALA G 69 -14.20 -8.99 -11.09
N ALA G 70 -13.38 -9.47 -12.03
CA ALA G 70 -13.61 -9.20 -13.45
C ALA G 70 -14.90 -9.85 -13.94
N ARG G 71 -15.17 -11.09 -13.51
CA ARG G 71 -16.43 -11.74 -13.89
C ARG G 71 -17.62 -10.98 -13.32
N ASP G 72 -17.50 -10.52 -12.08
CA ASP G 72 -18.58 -9.74 -11.46
C ASP G 72 -18.79 -8.43 -12.20
N ASN G 73 -17.71 -7.81 -12.68
CA ASN G 73 -17.81 -6.56 -13.41
C ASN G 73 -18.00 -6.76 -14.91
N LYS G 74 -18.10 -8.01 -15.37
CA LYS G 74 -18.38 -8.44 -16.76
C LYS G 74 -17.34 -7.97 -17.79
N LYS G 75 -16.11 -7.70 -17.38
CA LYS G 75 -15.02 -7.40 -18.32
C LYS G 75 -13.98 -8.51 -18.22
N THR G 76 -13.72 -9.17 -19.35
CA THR G 76 -12.82 -10.32 -19.37
C THR G 76 -11.38 -9.94 -19.04
N ARG G 77 -10.88 -8.84 -19.59
CA ARG G 77 -9.49 -8.46 -19.34
C ARG G 77 -9.32 -7.98 -17.91
N ILE G 78 -8.17 -8.27 -17.33
CA ILE G 78 -7.84 -7.84 -15.98
C ILE G 78 -7.15 -6.50 -16.07
N ILE G 79 -7.76 -5.48 -15.48
CA ILE G 79 -7.21 -4.12 -15.48
C ILE G 79 -6.67 -3.86 -14.09
N PRO G 80 -5.94 -2.76 -13.85
CA PRO G 80 -5.50 -2.44 -12.49
C PRO G 80 -6.63 -2.29 -11.47
N ARG G 81 -7.81 -1.85 -11.91
CA ARG G 81 -8.94 -1.70 -11.00
C ARG G 81 -9.37 -3.03 -10.42
N HIS G 82 -9.28 -4.10 -11.21
CA HIS G 82 -9.69 -5.41 -10.70
C HIS G 82 -8.69 -5.96 -9.69
N LEU G 83 -7.39 -5.73 -9.92
CA LEU G 83 -6.40 -6.11 -8.93
C LEU G 83 -6.56 -5.33 -7.63
N GLN G 84 -6.88 -4.04 -7.74
CA GLN G 84 -7.07 -3.23 -6.54
C GLN G 84 -8.30 -3.69 -5.77
N LEU G 85 -9.40 -3.97 -6.48
CA LEU G 85 -10.61 -4.48 -5.81
C LEU G 85 -10.35 -5.84 -5.18
N ALA G 86 -9.61 -6.71 -5.87
CA ALA G 86 -9.28 -8.02 -5.31
C ALA G 86 -8.43 -7.90 -4.05
N VAL G 87 -7.45 -7.01 -4.06
CA VAL G 87 -6.54 -6.89 -2.93
C VAL G 87 -7.25 -6.23 -1.75
N ARG G 88 -7.93 -5.12 -1.99
CA ARG G 88 -8.57 -4.40 -0.90
C ARG G 88 -9.86 -5.07 -0.42
N ASN G 89 -10.43 -5.99 -1.20
CA ASN G 89 -11.60 -6.71 -0.74
C ASN G 89 -11.25 -7.97 0.02
N ASP G 90 -10.12 -8.59 -0.28
CA ASP G 90 -9.64 -9.69 0.55
C ASP G 90 -9.06 -9.12 1.83
N GLU G 91 -9.29 -9.84 2.92
CA GLU G 91 -8.82 -9.39 4.23
C GLU G 91 -7.33 -9.60 4.37
N GLU G 92 -6.84 -10.80 4.07
CA GLU G 92 -5.45 -11.12 4.37
C GLU G 92 -4.50 -10.55 3.31
N LEU G 93 -4.96 -10.39 2.07
CA LEU G 93 -4.16 -9.71 1.06
C LEU G 93 -4.07 -8.22 1.31
N ASN G 94 -5.07 -7.63 1.95
CA ASN G 94 -4.97 -6.24 2.34
C ASN G 94 -3.97 -6.07 3.47
N LYS G 95 -3.82 -7.11 4.31
CA LYS G 95 -2.79 -7.05 5.34
C LYS G 95 -1.41 -7.25 4.75
N LEU G 96 -1.29 -8.04 3.69
CA LEU G 96 0.01 -8.22 3.06
C LEU G 96 0.42 -6.98 2.26
N LEU G 97 -0.54 -6.31 1.63
CA LEU G 97 -0.27 -5.16 0.78
C LEU G 97 -0.88 -3.90 1.36
N GLY G 98 -0.73 -3.67 2.67
CA GLY G 98 -1.30 -2.49 3.28
C GLY G 98 -0.55 -1.21 3.00
N ARG G 99 0.76 -1.29 2.81
CA ARG G 99 1.56 -0.12 2.50
C ARG G 99 1.98 -0.16 1.04
N VAL G 100 1.04 -0.47 0.15
CA VAL G 100 1.32 -0.61 -1.27
C VAL G 100 0.24 0.15 -2.04
N THR G 101 0.68 1.01 -2.95
CA THR G 101 -0.21 1.72 -3.87
C THR G 101 -0.21 1.01 -5.21
N ILE G 102 -1.38 0.55 -5.64
CA ILE G 102 -1.55 -0.02 -6.97
C ILE G 102 -1.98 1.11 -7.89
N ALA G 103 -1.17 1.40 -8.91
CA ALA G 103 -1.46 2.51 -9.81
C ALA G 103 -2.67 2.18 -10.67
N GLN G 104 -3.45 3.22 -10.98
CA GLN G 104 -4.70 3.14 -11.73
C GLN G 104 -5.69 2.19 -11.07
N GLY G 105 -5.68 2.13 -9.74
CA GLY G 105 -6.52 1.18 -9.05
C GLY G 105 -7.74 1.77 -8.38
N GLY G 106 -7.70 3.07 -8.07
CA GLY G 106 -8.83 3.68 -7.39
C GLY G 106 -8.92 3.24 -5.94
N VAL G 107 -10.13 3.27 -5.40
CA VAL G 107 -10.39 2.90 -4.02
C VAL G 107 -11.59 1.97 -3.97
N LEU G 108 -11.87 1.46 -2.77
CA LEU G 108 -13.11 0.74 -2.51
C LEU G 108 -14.26 1.73 -2.36
N PRO G 109 -15.41 1.43 -2.94
CA PRO G 109 -16.57 2.32 -2.79
C PRO G 109 -17.16 2.25 -1.40
N ASN G 110 -16.59 3.00 -0.45
CA ASN G 110 -17.03 2.99 0.94
C ASN G 110 -17.43 4.40 1.34
N ILE G 111 -18.69 4.56 1.73
CA ILE G 111 -19.20 5.81 2.28
C ILE G 111 -19.59 5.56 3.73
N GLN G 112 -19.23 6.49 4.61
CA GLN G 112 -19.58 6.34 6.02
C GLN G 112 -21.07 6.55 6.22
N SER G 113 -21.60 5.93 7.27
CA SER G 113 -23.04 5.85 7.44
C SER G 113 -23.65 7.19 7.85
N VAL G 114 -22.89 8.00 8.59
CA VAL G 114 -23.40 9.30 9.04
C VAL G 114 -23.49 10.33 7.91
N LEU G 115 -22.87 10.05 6.76
CA LEU G 115 -22.99 10.93 5.61
C LEU G 115 -24.19 10.57 4.73
N LEU G 116 -24.68 9.35 4.83
CA LEU G 116 -25.87 8.97 4.09
C LEU G 116 -27.10 9.61 4.72
N PRO G 117 -28.06 10.06 3.92
CA PRO G 117 -29.14 10.89 4.48
C PRO G 117 -30.27 10.04 5.07
N LYS G 118 -31.31 10.71 5.56
CA LYS G 118 -32.60 10.08 5.83
C LYS G 118 -33.13 9.26 4.65
N ARG H 27 18.86 -4.78 -31.74
CA ARG H 27 17.86 -5.23 -30.77
C ARG H 27 18.20 -4.76 -29.37
N LYS H 28 17.19 -4.36 -28.61
CA LYS H 28 17.38 -3.96 -27.22
C LYS H 28 17.81 -5.16 -26.38
N THR H 29 18.62 -4.89 -25.36
CA THR H 29 19.16 -5.94 -24.51
C THR H 29 18.04 -6.67 -23.78
N ARG H 30 18.22 -7.97 -23.59
CA ARG H 30 17.20 -8.80 -22.97
C ARG H 30 16.90 -8.31 -21.56
N LYS H 31 15.61 -8.13 -21.27
CA LYS H 31 15.16 -7.62 -19.97
C LYS H 31 14.16 -8.63 -19.42
N GLU H 32 14.53 -9.30 -18.33
CA GLU H 32 13.69 -10.38 -17.86
C GLU H 32 12.44 -9.81 -17.19
N SER H 33 11.39 -10.62 -17.19
CA SER H 33 10.15 -10.24 -16.54
C SER H 33 9.38 -11.50 -16.18
N TYR H 34 8.41 -11.33 -15.30
CA TYR H 34 7.62 -12.45 -14.79
C TYR H 34 6.30 -12.57 -15.53
N ALA H 35 6.17 -11.90 -16.69
CA ALA H 35 4.90 -11.86 -17.40
C ALA H 35 4.42 -13.24 -17.86
N ILE H 36 5.32 -14.03 -18.45
CA ILE H 36 4.92 -15.33 -19.01
C ILE H 36 4.37 -16.23 -17.91
N TYR H 37 4.97 -16.18 -16.73
CA TYR H 37 4.57 -17.08 -15.66
C TYR H 37 3.20 -16.68 -15.13
N VAL H 38 3.05 -15.39 -14.76
CA VAL H 38 1.77 -14.86 -14.32
C VAL H 38 0.68 -15.15 -15.35
N TYR H 39 1.05 -15.17 -16.63
CA TYR H 39 0.14 -15.51 -17.72
C TYR H 39 -0.26 -16.98 -17.67
N LYS H 40 0.69 -17.87 -17.36
CA LYS H 40 0.37 -19.29 -17.28
C LYS H 40 -0.51 -19.56 -16.06
N VAL H 41 -0.21 -18.88 -14.95
CA VAL H 41 -1.03 -19.03 -13.75
C VAL H 41 -2.44 -18.51 -13.98
N LEU H 42 -2.57 -17.42 -14.73
CA LEU H 42 -3.89 -16.89 -15.06
C LEU H 42 -4.67 -17.84 -15.96
N LYS H 43 -4.02 -18.43 -16.96
CA LYS H 43 -4.71 -19.36 -17.83
C LYS H 43 -5.03 -20.70 -17.16
N GLN H 44 -4.28 -21.09 -16.14
CA GLN H 44 -4.75 -22.22 -15.33
C GLN H 44 -5.95 -21.84 -14.49
N VAL H 45 -5.88 -20.70 -13.80
CA VAL H 45 -6.88 -20.37 -12.80
C VAL H 45 -8.16 -19.90 -13.48
N HIS H 46 -8.05 -18.89 -14.33
CA HIS H 46 -9.19 -18.34 -15.06
C HIS H 46 -8.93 -18.55 -16.54
N PRO H 47 -9.35 -19.69 -17.11
CA PRO H 47 -8.81 -20.14 -18.39
C PRO H 47 -9.31 -19.38 -19.61
N ASP H 48 -10.10 -18.33 -19.42
CA ASP H 48 -10.61 -17.54 -20.55
C ASP H 48 -10.36 -16.05 -20.45
N THR H 49 -10.02 -15.53 -19.27
CA THR H 49 -9.81 -14.10 -19.11
C THR H 49 -8.46 -13.68 -19.67
N GLY H 50 -8.37 -12.42 -20.10
CA GLY H 50 -7.11 -11.81 -20.45
C GLY H 50 -6.61 -10.91 -19.34
N ILE H 51 -5.52 -10.19 -19.63
CA ILE H 51 -4.97 -9.25 -18.68
C ILE H 51 -4.30 -8.11 -19.44
N SER H 52 -4.53 -6.88 -18.98
CA SER H 52 -3.93 -5.72 -19.61
C SER H 52 -2.44 -5.65 -19.30
N SER H 53 -1.72 -4.85 -20.08
CA SER H 53 -0.28 -4.71 -19.87
C SER H 53 0.05 -3.90 -18.62
N LYS H 54 -0.83 -2.97 -18.23
CA LYS H 54 -0.61 -2.25 -16.98
C LYS H 54 -0.81 -3.17 -15.78
N ALA H 55 -1.84 -4.01 -15.82
CA ALA H 55 -1.99 -5.02 -14.79
C ALA H 55 -0.86 -6.03 -14.84
N MET H 56 -0.31 -6.27 -16.03
CA MET H 56 0.89 -7.11 -16.13
C MET H 56 2.07 -6.50 -15.40
N SER H 57 2.28 -5.19 -15.57
CA SER H 57 3.39 -4.53 -14.89
C SER H 57 3.16 -4.50 -13.39
N ILE H 58 1.89 -4.40 -12.97
CA ILE H 58 1.55 -4.48 -11.56
C ILE H 58 1.87 -5.87 -11.02
N MET H 59 1.54 -6.91 -11.79
CA MET H 59 1.83 -8.27 -11.35
C MET H 59 3.33 -8.55 -11.30
N ASN H 60 4.08 -7.99 -12.25
CA ASN H 60 5.52 -8.17 -12.24
C ASN H 60 6.15 -7.47 -11.03
N SER H 61 5.72 -6.24 -10.74
CA SER H 61 6.25 -5.54 -9.59
C SER H 61 5.77 -6.14 -8.27
N PHE H 62 4.59 -6.75 -8.26
CA PHE H 62 4.13 -7.46 -7.07
C PHE H 62 4.98 -8.69 -6.79
N VAL H 63 5.27 -9.48 -7.83
CA VAL H 63 6.10 -10.66 -7.65
C VAL H 63 7.51 -10.27 -7.24
N ASN H 64 8.05 -9.21 -7.84
CA ASN H 64 9.38 -8.74 -7.45
C ASN H 64 9.40 -8.21 -6.02
N ASP H 65 8.34 -7.53 -5.59
CA ASP H 65 8.30 -6.98 -4.24
C ASP H 65 8.21 -8.09 -3.21
N VAL H 66 7.37 -9.10 -3.46
CA VAL H 66 7.25 -10.20 -2.51
C VAL H 66 8.52 -11.05 -2.52
N PHE H 67 9.18 -11.17 -3.68
CA PHE H 67 10.48 -11.81 -3.72
C PHE H 67 11.51 -11.08 -2.86
N GLU H 68 11.56 -9.76 -2.98
CA GLU H 68 12.51 -8.99 -2.17
C GLU H 68 12.19 -9.10 -0.70
N ARG H 69 10.90 -9.12 -0.34
CA ARG H 69 10.52 -9.25 1.07
C ARG H 69 10.94 -10.58 1.64
N ILE H 70 10.59 -11.68 0.97
CA ILE H 70 10.88 -13.01 1.50
C ILE H 70 12.38 -13.28 1.49
N ALA H 71 13.08 -12.84 0.44
CA ALA H 71 14.52 -13.05 0.39
C ALA H 71 15.25 -12.17 1.40
N GLY H 72 14.73 -10.97 1.69
CA GLY H 72 15.35 -10.14 2.71
C GLY H 72 15.15 -10.72 4.10
N GLU H 73 13.97 -11.27 4.37
CA GLU H 73 13.77 -11.90 5.66
C GLU H 73 14.57 -13.19 5.78
N ALA H 74 14.78 -13.90 4.66
CA ALA H 74 15.65 -15.06 4.69
C ALA H 74 17.10 -14.68 4.91
N SER H 75 17.53 -13.54 4.33
CA SER H 75 18.88 -13.04 4.57
C SER H 75 19.06 -12.67 6.04
N ARG H 76 18.06 -12.02 6.62
CA ARG H 76 18.11 -11.70 8.04
C ARG H 76 18.14 -12.96 8.89
N LEU H 77 17.35 -13.97 8.52
CA LEU H 77 17.33 -15.22 9.26
C LEU H 77 18.64 -15.98 9.16
N ALA H 78 19.31 -15.91 8.02
CA ALA H 78 20.60 -16.58 7.90
C ALA H 78 21.67 -15.83 8.68
N HIS H 79 21.60 -14.50 8.69
CA HIS H 79 22.60 -13.74 9.43
C HIS H 79 22.37 -13.78 10.94
N TYR H 80 21.13 -13.96 11.38
CA TYR H 80 20.85 -13.98 12.81
C TYR H 80 21.35 -15.27 13.46
N ASN H 81 21.13 -16.40 12.80
CA ASN H 81 21.50 -17.70 13.33
C ASN H 81 22.92 -18.12 12.93
N LYS H 82 23.71 -17.18 12.40
CA LYS H 82 25.09 -17.40 11.98
C LYS H 82 25.23 -18.49 10.93
N ARG H 83 24.24 -18.61 10.04
CA ARG H 83 24.29 -19.53 8.92
C ARG H 83 24.68 -18.78 7.66
N SER H 84 25.32 -19.51 6.74
CA SER H 84 25.75 -18.94 5.48
C SER H 84 24.91 -19.39 4.30
N THR H 85 24.00 -20.34 4.49
CA THR H 85 23.14 -20.83 3.43
C THR H 85 21.71 -20.36 3.63
N ILE H 86 20.99 -20.23 2.53
CA ILE H 86 19.55 -20.03 2.54
C ILE H 86 18.91 -21.35 2.16
N THR H 87 18.29 -22.01 3.13
CA THR H 87 17.65 -23.30 2.89
C THR H 87 16.17 -23.09 2.64
N SER H 88 15.44 -24.19 2.48
CA SER H 88 13.99 -24.09 2.43
C SER H 88 13.41 -23.78 3.80
N ARG H 89 14.14 -24.05 4.88
CA ARG H 89 13.65 -23.70 6.21
C ARG H 89 13.69 -22.20 6.43
N GLU H 90 14.74 -21.52 5.95
CA GLU H 90 14.80 -20.07 6.05
C GLU H 90 13.70 -19.41 5.24
N ILE H 91 13.43 -19.92 4.04
CA ILE H 91 12.36 -19.36 3.23
C ILE H 91 11.01 -19.65 3.87
N GLN H 92 10.85 -20.84 4.47
CA GLN H 92 9.58 -21.20 5.11
C GLN H 92 9.30 -20.34 6.33
N THR H 93 10.33 -20.07 7.13
CA THR H 93 10.14 -19.21 8.28
C THR H 93 9.93 -17.76 7.85
N ALA H 94 10.59 -17.33 6.78
CA ALA H 94 10.37 -15.99 6.24
C ALA H 94 8.96 -15.85 5.69
N VAL H 95 8.41 -16.93 5.14
CA VAL H 95 7.02 -16.91 4.68
C VAL H 95 6.08 -16.82 5.86
N ARG H 96 6.37 -17.54 6.95
CA ARG H 96 5.51 -17.44 8.13
C ARG H 96 5.59 -16.06 8.76
N LEU H 97 6.73 -15.39 8.65
CA LEU H 97 6.82 -14.04 9.20
C LEU H 97 6.16 -13.00 8.28
N LEU H 98 6.33 -13.14 6.97
CA LEU H 98 5.86 -12.10 6.06
C LEU H 98 4.39 -12.24 5.75
N LEU H 99 3.94 -13.43 5.49
CA LEU H 99 2.58 -13.48 5.00
C LEU H 99 1.60 -13.57 6.16
N PRO H 100 0.40 -13.03 6.00
CA PRO H 100 -0.62 -13.16 7.04
C PRO H 100 -1.13 -14.60 7.15
N GLY H 101 -1.89 -14.84 8.21
CA GLY H 101 -2.15 -16.18 8.73
C GLY H 101 -2.57 -17.32 7.83
N GLU H 102 -3.79 -17.27 7.28
CA GLU H 102 -4.27 -18.37 6.45
C GLU H 102 -3.50 -18.42 5.13
N LEU H 103 -3.10 -17.25 4.64
CA LEU H 103 -2.24 -17.18 3.48
C LEU H 103 -0.91 -17.85 3.75
N ALA H 104 -0.37 -17.67 4.96
CA ALA H 104 0.88 -18.32 5.32
C ALA H 104 0.74 -19.83 5.44
N LYS H 105 -0.38 -20.33 6.00
CA LYS H 105 -0.56 -21.78 6.08
C LYS H 105 -0.67 -22.39 4.68
N HIS H 106 -1.47 -21.78 3.80
CA HIS H 106 -1.61 -22.36 2.47
C HIS H 106 -0.33 -22.22 1.66
N ALA H 107 0.44 -21.15 1.87
CA ALA H 107 1.68 -20.98 1.13
C ALA H 107 2.74 -21.96 1.62
N VAL H 108 2.76 -22.24 2.93
CA VAL H 108 3.66 -23.26 3.46
C VAL H 108 3.27 -24.64 2.95
N SER H 109 1.97 -24.91 2.83
CA SER H 109 1.54 -26.21 2.31
C SER H 109 1.93 -26.37 0.84
N GLU H 110 1.72 -25.33 0.02
CA GLU H 110 2.08 -25.41 -1.39
C GLU H 110 3.59 -25.51 -1.57
N GLY H 111 4.36 -24.78 -0.77
CA GLY H 111 5.79 -24.84 -0.88
C GLY H 111 6.37 -26.17 -0.45
N THR H 112 5.86 -26.74 0.64
CA THR H 112 6.31 -28.06 1.07
C THR H 112 5.95 -29.12 0.05
N LYS H 113 4.75 -29.02 -0.53
CA LYS H 113 4.36 -29.95 -1.59
C LYS H 113 5.31 -29.86 -2.78
N ALA H 114 5.73 -28.65 -3.14
CA ALA H 114 6.62 -28.50 -4.28
C ALA H 114 8.04 -28.99 -3.96
N VAL H 115 8.51 -28.79 -2.72
CA VAL H 115 9.84 -29.29 -2.38
C VAL H 115 9.86 -30.81 -2.32
N THR H 116 8.78 -31.44 -1.82
CA THR H 116 8.72 -32.89 -1.86
C THR H 116 8.62 -33.42 -3.28
N LYS H 117 7.83 -32.76 -4.13
CA LYS H 117 7.74 -33.20 -5.52
C LYS H 117 9.05 -32.98 -6.27
N TYR H 118 9.85 -32.00 -5.84
CA TYR H 118 11.13 -31.78 -6.49
C TYR H 118 12.17 -32.80 -6.04
N THR H 119 12.23 -33.09 -4.75
CA THR H 119 13.22 -34.05 -4.27
C THR H 119 12.84 -35.49 -4.61
N SER H 120 11.54 -35.75 -4.85
CA SER H 120 11.14 -37.09 -5.28
C SER H 120 11.56 -37.36 -6.72
N ALA H 121 11.65 -36.32 -7.54
CA ALA H 121 12.02 -36.48 -8.94
C ALA H 121 13.52 -36.31 -9.13
N SER K 61 -50.58 -19.46 -26.93
CA SER K 61 -51.25 -18.35 -26.27
C SER K 61 -52.37 -17.79 -27.14
N GLY K 62 -52.02 -16.91 -28.07
CA GLY K 62 -52.99 -16.34 -28.97
C GLY K 62 -52.82 -14.87 -29.28
N ILE K 63 -52.13 -14.13 -28.40
CA ILE K 63 -51.94 -12.70 -28.59
C ILE K 63 -50.65 -12.45 -29.35
N VAL K 64 -50.73 -11.51 -30.29
CA VAL K 64 -49.55 -11.13 -31.09
C VAL K 64 -48.66 -10.22 -30.26
N PRO K 65 -47.37 -10.53 -30.12
CA PRO K 65 -46.44 -9.61 -29.46
C PRO K 65 -46.26 -8.33 -30.27
N THR K 66 -46.41 -7.19 -29.61
CA THR K 66 -46.31 -5.91 -30.30
C THR K 66 -44.85 -5.59 -30.60
N LEU K 67 -44.55 -5.39 -31.89
CA LEU K 67 -43.19 -5.04 -32.31
C LEU K 67 -42.84 -3.62 -31.88
N GLN K 68 -41.66 -3.46 -31.27
CA GLN K 68 -41.23 -2.19 -30.69
C GLN K 68 -40.08 -1.58 -31.47
N ASN K 69 -38.97 -2.31 -31.62
CA ASN K 69 -37.76 -1.79 -32.25
C ASN K 69 -37.39 -2.69 -33.42
N ILE K 70 -37.35 -2.12 -34.61
CA ILE K 70 -36.96 -2.84 -35.82
C ILE K 70 -35.64 -2.24 -36.30
N VAL K 71 -34.54 -2.92 -35.98
CA VAL K 71 -33.20 -2.44 -36.29
C VAL K 71 -32.69 -3.19 -37.51
N ALA K 72 -32.34 -2.45 -38.57
CA ALA K 72 -31.88 -3.05 -39.81
C ALA K 72 -30.64 -2.32 -40.30
N THR K 73 -29.99 -2.89 -41.31
CA THR K 73 -28.79 -2.31 -41.90
C THR K 73 -28.88 -2.44 -43.41
N VAL K 74 -28.57 -1.34 -44.11
CA VAL K 74 -28.54 -1.32 -45.57
C VAL K 74 -27.18 -0.77 -45.99
N THR K 75 -26.62 -1.33 -47.07
CA THR K 75 -25.36 -0.83 -47.60
C THR K 75 -25.64 0.24 -48.66
N LEU K 76 -24.79 1.27 -48.67
CA LEU K 76 -24.89 2.33 -49.67
C LEU K 76 -23.80 2.22 -50.73
N GLY K 77 -22.59 1.82 -50.34
CA GLY K 77 -21.51 1.57 -51.27
C GLY K 77 -20.94 2.76 -52.03
N CYS K 78 -20.56 3.83 -51.31
CA CYS K 78 -20.03 5.02 -51.97
C CYS K 78 -19.07 5.73 -51.04
N ARG K 79 -18.30 6.64 -51.61
CA ARG K 79 -17.37 7.49 -50.86
C ARG K 79 -18.11 8.75 -50.43
N LEU K 80 -18.18 8.97 -49.12
CA LEU K 80 -18.90 10.12 -48.57
C LEU K 80 -17.93 11.00 -47.78
N ASP K 81 -18.44 12.17 -47.39
CA ASP K 81 -17.72 13.08 -46.50
C ASP K 81 -18.64 13.46 -45.35
N LEU K 82 -18.04 13.66 -44.18
CA LEU K 82 -18.81 13.86 -42.96
C LEU K 82 -19.36 15.27 -42.81
N LYS K 83 -18.64 16.29 -43.28
CA LYS K 83 -19.09 17.67 -43.05
C LYS K 83 -20.31 18.00 -43.91
N THR K 84 -20.37 17.46 -45.13
CA THR K 84 -21.52 17.77 -45.98
C THR K 84 -22.78 17.05 -45.55
N VAL K 85 -22.68 15.82 -45.03
CA VAL K 85 -23.86 15.17 -44.48
C VAL K 85 -24.23 15.81 -43.14
N ALA K 86 -23.25 16.28 -42.38
CA ALA K 86 -23.54 16.89 -41.08
C ALA K 86 -24.18 18.26 -41.24
N LEU K 87 -23.91 18.96 -42.34
CA LEU K 87 -24.41 20.30 -42.54
C LEU K 87 -25.64 20.36 -43.44
N HIS K 88 -25.78 19.44 -44.39
CA HIS K 88 -26.88 19.49 -45.36
C HIS K 88 -28.09 18.68 -44.93
N ALA K 89 -28.18 18.30 -43.65
CA ALA K 89 -29.37 17.61 -43.15
C ALA K 89 -29.97 18.40 -41.99
N ARG K 90 -31.04 17.85 -41.42
CA ARG K 90 -31.77 18.47 -40.32
C ARG K 90 -31.72 17.58 -39.10
N ASN K 91 -31.46 18.19 -37.93
CA ASN K 91 -31.46 17.53 -36.63
C ASN K 91 -30.43 16.40 -36.56
N ALA K 92 -29.18 16.77 -36.83
CA ALA K 92 -28.07 15.83 -36.80
C ALA K 92 -27.15 16.14 -35.63
N GLU K 93 -26.30 15.18 -35.30
CA GLU K 93 -25.35 15.31 -34.20
C GLU K 93 -24.04 14.64 -34.58
N TYR K 94 -22.93 15.35 -34.38
CA TYR K 94 -21.59 14.82 -34.58
C TYR K 94 -20.76 15.14 -33.34
N ASN K 95 -20.34 14.10 -32.62
CA ASN K 95 -19.32 14.24 -31.59
C ASN K 95 -18.14 13.37 -31.98
N PRO K 96 -17.00 13.97 -32.33
CA PRO K 96 -15.88 13.20 -32.91
C PRO K 96 -15.22 12.22 -31.97
N LYS K 97 -15.13 12.54 -30.66
CA LYS K 97 -14.50 11.61 -29.73
C LYS K 97 -15.32 10.35 -29.51
N ARG K 98 -16.64 10.43 -29.58
CA ARG K 98 -17.45 9.24 -29.34
C ARG K 98 -17.48 8.36 -30.59
N PHE K 99 -17.88 8.93 -31.72
CA PHE K 99 -17.85 8.27 -33.01
C PHE K 99 -17.24 9.14 -34.08
N ALA K 100 -16.60 8.47 -35.04
CA ALA K 100 -16.19 9.08 -36.29
C ALA K 100 -17.29 9.07 -37.34
N ALA K 101 -18.55 9.06 -36.90
CA ALA K 101 -19.71 9.04 -37.79
C ALA K 101 -20.80 9.93 -37.23
N VAL K 102 -21.56 10.54 -38.14
CA VAL K 102 -22.58 11.54 -37.80
C VAL K 102 -23.89 10.84 -37.46
N ILE K 103 -24.54 11.29 -36.39
CA ILE K 103 -25.78 10.72 -35.90
C ILE K 103 -26.90 11.71 -36.19
N MET K 104 -28.10 11.20 -36.52
CA MET K 104 -29.19 12.06 -36.93
C MET K 104 -30.50 11.36 -36.58
N ARG K 105 -31.60 12.12 -36.54
CA ARG K 105 -32.89 11.60 -36.14
C ARG K 105 -33.98 12.22 -37.02
N ILE K 106 -34.92 11.38 -37.45
CA ILE K 106 -36.00 11.79 -38.35
C ILE K 106 -37.31 11.52 -37.63
N ARG K 107 -38.17 12.55 -37.52
CA ARG K 107 -39.40 12.47 -36.75
C ARG K 107 -40.51 11.67 -37.43
N GLU K 108 -40.65 11.74 -38.75
CA GLU K 108 -41.76 11.06 -39.42
C GLU K 108 -41.27 9.96 -40.34
N PRO K 109 -41.71 8.70 -40.17
CA PRO K 109 -41.90 8.10 -38.84
C PRO K 109 -40.61 8.09 -38.04
N LYS K 110 -40.70 8.01 -36.71
CA LYS K 110 -39.51 8.12 -35.88
C LYS K 110 -38.57 6.94 -36.13
N THR K 111 -37.30 7.27 -36.39
CA THR K 111 -36.20 6.34 -36.62
C THR K 111 -34.91 7.13 -36.45
N THR K 112 -34.01 6.62 -35.61
CA THR K 112 -32.71 7.24 -35.44
C THR K 112 -31.79 6.84 -36.58
N ALA K 113 -31.13 7.82 -37.17
CA ALA K 113 -30.29 7.63 -38.36
C ALA K 113 -28.84 7.50 -37.95
N LEU K 114 -28.11 6.66 -38.66
CA LEU K 114 -26.71 6.37 -38.35
C LEU K 114 -25.95 6.29 -39.67
N ILE K 115 -25.16 7.33 -39.97
CA ILE K 115 -24.58 7.52 -41.29
C ILE K 115 -23.09 7.26 -41.19
N PHE K 116 -22.57 6.44 -42.11
CA PHE K 116 -21.15 6.16 -42.20
C PHE K 116 -20.60 6.75 -43.50
N ALA K 117 -19.33 7.16 -43.47
CA ALA K 117 -18.72 7.75 -44.64
C ALA K 117 -18.30 6.72 -45.69
N SER K 118 -18.32 5.43 -45.34
CA SER K 118 -17.93 4.36 -46.25
C SER K 118 -19.09 3.85 -47.12
N GLY K 119 -20.30 4.38 -46.95
CA GLY K 119 -21.42 3.86 -47.73
C GLY K 119 -22.16 2.80 -46.94
N LYS K 120 -22.40 3.09 -45.66
CA LYS K 120 -23.11 2.20 -44.75
C LYS K 120 -24.25 2.96 -44.08
N MET K 121 -25.38 2.27 -43.86
CA MET K 121 -26.56 2.90 -43.31
C MET K 121 -27.24 1.95 -42.32
N VAL K 122 -27.37 2.40 -41.07
CA VAL K 122 -27.95 1.61 -39.99
C VAL K 122 -29.22 2.29 -39.50
N VAL K 123 -30.37 1.62 -39.68
CA VAL K 123 -31.64 2.16 -39.21
C VAL K 123 -32.07 1.44 -37.94
N THR K 124 -32.59 2.20 -36.98
CA THR K 124 -33.17 1.66 -35.76
C THR K 124 -34.48 2.39 -35.48
N GLY K 125 -35.27 1.82 -34.57
CA GLY K 125 -36.44 2.49 -34.04
C GLY K 125 -37.69 2.41 -34.89
N ALA K 126 -37.69 1.60 -35.94
CA ALA K 126 -38.88 1.44 -36.77
C ALA K 126 -39.93 0.61 -36.03
N LYS K 127 -41.20 0.93 -36.30
CA LYS K 127 -42.30 0.26 -35.62
C LYS K 127 -42.64 -1.10 -36.24
N SER K 128 -42.25 -1.32 -37.50
CA SER K 128 -42.55 -2.56 -38.20
C SER K 128 -41.52 -2.75 -39.31
N GLU K 129 -41.60 -3.91 -39.97
CA GLU K 129 -40.61 -4.21 -41.00
C GLU K 129 -40.83 -3.36 -42.24
N ASP K 130 -42.09 -3.15 -42.63
CA ASP K 130 -42.37 -2.27 -43.76
C ASP K 130 -42.03 -0.84 -43.40
N ASP K 131 -42.11 -0.50 -42.11
CA ASP K 131 -41.74 0.84 -41.67
C ASP K 131 -40.23 1.01 -41.80
N SER K 132 -39.48 -0.06 -41.55
CA SER K 132 -38.03 0.00 -41.69
C SER K 132 -37.64 0.10 -43.16
N LYS K 133 -38.38 -0.61 -44.03
CA LYS K 133 -38.09 -0.52 -45.46
C LYS K 133 -38.35 0.88 -45.99
N LEU K 134 -39.48 1.49 -45.62
CA LEU K 134 -39.75 2.84 -46.08
C LEU K 134 -38.84 3.87 -45.41
N ALA K 135 -38.36 3.57 -44.19
CA ALA K 135 -37.41 4.47 -43.54
C ALA K 135 -36.05 4.43 -44.22
N SER K 136 -35.58 3.23 -44.59
CA SER K 136 -34.35 3.11 -45.35
C SER K 136 -34.49 3.74 -46.74
N ARG K 137 -35.69 3.65 -47.33
CA ARG K 137 -35.92 4.30 -48.62
C ARG K 137 -35.88 5.81 -48.47
N LYS K 138 -36.45 6.33 -47.37
CA LYS K 138 -36.44 7.77 -47.12
C LYS K 138 -35.00 8.25 -46.92
N TYR K 139 -34.22 7.53 -46.11
CA TYR K 139 -32.83 7.89 -45.88
C TYR K 139 -32.03 7.83 -47.18
N ALA K 140 -32.36 6.85 -48.04
CA ALA K 140 -31.71 6.75 -49.34
C ALA K 140 -32.01 7.95 -50.23
N ARG K 141 -33.27 8.40 -50.26
CA ARG K 141 -33.55 9.57 -51.08
C ARG K 141 -33.05 10.86 -50.44
N ILE K 142 -32.86 10.89 -49.12
CA ILE K 142 -32.15 12.02 -48.49
C ILE K 142 -30.72 12.08 -49.01
N ILE K 143 -30.05 10.93 -49.04
CA ILE K 143 -28.68 10.86 -49.56
C ILE K 143 -28.64 11.19 -51.05
N GLN K 144 -29.69 10.83 -51.80
CA GLN K 144 -29.71 11.18 -53.22
C GLN K 144 -29.95 12.67 -53.45
N LYS K 145 -30.80 13.33 -52.64
CA LYS K 145 -31.03 14.74 -52.91
C LYS K 145 -30.02 15.67 -52.26
N ILE K 146 -29.24 15.21 -51.27
CA ILE K 146 -28.10 16.03 -50.84
C ILE K 146 -27.02 16.03 -51.93
N GLY K 147 -26.86 14.93 -52.67
CA GLY K 147 -25.96 14.92 -53.79
C GLY K 147 -25.10 13.69 -54.06
N PHE K 148 -25.25 12.65 -53.25
CA PHE K 148 -24.56 11.38 -53.51
C PHE K 148 -25.55 10.38 -54.13
N ALA K 149 -25.09 9.15 -54.31
CA ALA K 149 -25.91 8.09 -54.90
C ALA K 149 -26.10 6.96 -53.89
N ALA K 150 -27.33 6.80 -53.42
CA ALA K 150 -27.71 5.77 -52.46
C ALA K 150 -28.55 4.70 -53.15
N LYS K 151 -28.41 3.47 -52.69
CA LYS K 151 -29.14 2.35 -53.27
C LYS K 151 -29.90 1.61 -52.16
N PHE K 152 -30.57 0.53 -52.55
CA PHE K 152 -31.48 -0.23 -51.71
C PHE K 152 -31.19 -1.73 -51.83
N THR K 153 -29.93 -2.11 -51.69
CA THR K 153 -29.56 -3.51 -51.71
C THR K 153 -29.00 -3.98 -50.37
N ASP K 154 -29.01 -5.31 -50.20
CA ASP K 154 -28.55 -6.03 -49.01
C ASP K 154 -29.30 -5.55 -47.75
N PHE K 155 -30.62 -5.76 -47.77
CA PHE K 155 -31.45 -5.31 -46.65
C PHE K 155 -31.32 -6.34 -45.54
N LYS K 156 -30.50 -6.05 -44.53
CA LYS K 156 -30.25 -6.98 -43.44
C LYS K 156 -31.06 -6.54 -42.23
N ILE K 157 -32.11 -7.30 -41.91
CA ILE K 157 -32.92 -7.01 -40.70
C ILE K 157 -32.34 -7.88 -39.60
N GLN K 158 -31.24 -7.39 -39.00
CA GLN K 158 -30.60 -8.20 -37.97
C GLN K 158 -31.29 -8.21 -36.61
N ASN K 159 -32.08 -7.19 -36.28
CA ASN K 159 -32.72 -7.13 -34.96
C ASN K 159 -34.21 -6.84 -35.07
N ILE K 160 -35.03 -7.75 -34.55
CA ILE K 160 -36.48 -7.55 -34.45
C ILE K 160 -36.82 -7.63 -32.97
N VAL K 161 -37.41 -6.55 -32.43
CA VAL K 161 -37.73 -6.47 -31.01
C VAL K 161 -39.23 -6.33 -30.83
N GLY K 162 -39.82 -7.24 -30.07
CA GLY K 162 -41.24 -7.22 -29.81
C GLY K 162 -41.51 -7.38 -28.33
N SER K 163 -42.55 -6.68 -27.85
CA SER K 163 -42.95 -6.74 -26.45
C SER K 163 -44.43 -7.05 -26.35
N CYS K 164 -44.81 -7.78 -25.31
CA CYS K 164 -46.20 -7.97 -24.96
C CYS K 164 -46.28 -8.30 -23.47
N ASP K 165 -47.51 -8.44 -22.97
CA ASP K 165 -47.77 -8.73 -21.57
C ASP K 165 -48.65 -9.97 -21.47
N VAL K 166 -48.30 -10.88 -20.55
CA VAL K 166 -49.10 -12.08 -20.33
C VAL K 166 -50.19 -11.84 -19.29
N LYS K 167 -50.17 -10.67 -18.63
CA LYS K 167 -51.12 -10.19 -17.62
C LYS K 167 -51.07 -10.97 -16.30
N PHE K 168 -50.15 -11.92 -16.14
CA PHE K 168 -50.04 -12.67 -14.89
C PHE K 168 -48.59 -12.74 -14.46
N PRO K 169 -48.30 -12.62 -13.17
CA PRO K 169 -46.93 -12.81 -12.70
C PRO K 169 -46.47 -14.25 -12.83
N ILE K 170 -45.17 -14.41 -13.04
CA ILE K 170 -44.53 -15.71 -13.19
C ILE K 170 -43.45 -15.84 -12.12
N ARG K 171 -43.39 -17.00 -11.48
CA ARG K 171 -42.48 -17.22 -10.35
C ARG K 171 -41.08 -17.46 -10.91
N LEU K 172 -40.22 -16.45 -10.80
CA LEU K 172 -38.86 -16.55 -11.34
C LEU K 172 -38.06 -17.63 -10.63
N GLU K 173 -38.25 -17.77 -9.31
CA GLU K 173 -37.49 -18.72 -8.50
C GLU K 173 -37.66 -20.15 -9.01
N GLY K 174 -38.88 -20.50 -9.41
CA GLY K 174 -39.11 -21.83 -9.94
C GLY K 174 -38.39 -22.10 -11.24
N LEU K 175 -38.37 -21.10 -12.14
CA LEU K 175 -37.61 -21.25 -13.38
C LEU K 175 -36.11 -21.19 -13.15
N ALA K 176 -35.67 -20.60 -12.03
CA ALA K 176 -34.25 -20.61 -11.72
C ALA K 176 -33.81 -21.94 -11.14
N PHE K 177 -34.64 -22.53 -10.27
CA PHE K 177 -34.26 -23.80 -9.66
C PHE K 177 -34.50 -25.00 -10.58
N SER K 178 -35.55 -24.97 -11.40
CA SER K 178 -35.79 -26.07 -12.33
C SER K 178 -34.91 -26.00 -13.57
N HIS K 179 -34.39 -24.83 -13.90
CA HIS K 179 -33.62 -24.59 -15.12
C HIS K 179 -32.35 -23.81 -14.82
N GLY K 180 -31.58 -24.29 -13.84
CA GLY K 180 -30.35 -23.61 -13.45
C GLY K 180 -29.30 -23.57 -14.54
N THR K 181 -29.31 -24.54 -15.46
CA THR K 181 -28.46 -24.47 -16.63
C THR K 181 -29.02 -23.50 -17.67
N PHE K 182 -30.33 -23.31 -17.68
CA PHE K 182 -31.00 -22.44 -18.65
C PHE K 182 -31.17 -21.00 -18.15
N SER K 183 -30.94 -20.74 -16.86
CA SER K 183 -31.29 -19.44 -16.29
C SER K 183 -30.47 -19.22 -15.03
N SER K 184 -30.49 -17.96 -14.56
CA SER K 184 -29.77 -17.53 -13.37
C SER K 184 -30.39 -16.24 -12.88
N TYR K 185 -30.75 -16.19 -11.61
CA TYR K 185 -31.43 -15.03 -11.03
C TYR K 185 -30.81 -14.65 -9.71
N GLU K 186 -30.50 -13.36 -9.54
CA GLU K 186 -29.99 -12.83 -8.30
C GLU K 186 -30.72 -11.50 -8.08
N PRO K 187 -31.24 -11.26 -6.87
CA PRO K 187 -32.18 -10.15 -6.68
C PRO K 187 -31.56 -8.76 -6.79
N GLU K 188 -30.30 -8.57 -6.43
CA GLU K 188 -29.72 -7.24 -6.46
C GLU K 188 -28.90 -6.93 -7.71
N LEU K 189 -28.51 -7.92 -8.50
CA LEU K 189 -27.66 -7.66 -9.65
C LEU K 189 -28.35 -7.84 -10.99
N PHE K 190 -29.55 -8.44 -11.02
CA PHE K 190 -30.28 -8.70 -12.27
C PHE K 190 -31.70 -9.17 -11.95
N PRO K 191 -32.69 -8.28 -11.97
CA PRO K 191 -34.07 -8.73 -11.75
C PRO K 191 -34.65 -9.53 -12.91
N GLY K 192 -34.16 -9.32 -14.13
CA GLY K 192 -34.62 -10.12 -15.26
C GLY K 192 -34.02 -11.52 -15.26
N LEU K 193 -34.78 -12.46 -15.81
CA LEU K 193 -34.35 -13.85 -15.95
C LEU K 193 -34.04 -14.16 -17.40
N ILE K 194 -32.87 -14.73 -17.66
CA ILE K 194 -32.42 -15.05 -19.00
C ILE K 194 -32.81 -16.47 -19.35
N TYR K 195 -33.32 -16.67 -20.57
CA TYR K 195 -33.68 -18.00 -21.05
C TYR K 195 -33.23 -18.13 -22.49
N ARG K 196 -32.66 -19.27 -22.83
CA ARG K 196 -32.20 -19.51 -24.20
C ARG K 196 -32.49 -20.96 -24.62
N MET K 197 -33.53 -21.15 -25.44
CA MET K 197 -33.75 -22.49 -25.97
C MET K 197 -32.80 -22.69 -27.15
N VAL K 198 -32.84 -23.87 -27.76
CA VAL K 198 -31.78 -24.29 -28.67
C VAL K 198 -32.15 -24.19 -30.15
N LYS K 199 -33.43 -24.22 -30.50
CA LYS K 199 -33.70 -24.15 -31.94
C LYS K 199 -33.57 -22.77 -32.58
N PRO K 200 -33.93 -21.61 -31.94
CA PRO K 200 -33.34 -20.36 -32.46
C PRO K 200 -32.14 -19.87 -31.67
N LYS K 201 -31.37 -18.93 -32.23
CA LYS K 201 -30.45 -18.07 -31.48
C LYS K 201 -31.20 -16.89 -30.85
N ILE K 202 -31.59 -17.02 -29.57
CA ILE K 202 -32.48 -16.02 -28.98
C ILE K 202 -32.15 -15.84 -27.51
N VAL K 203 -32.27 -14.59 -27.05
CA VAL K 203 -32.12 -14.24 -25.63
C VAL K 203 -33.48 -13.75 -25.11
N LEU K 204 -33.90 -14.31 -23.98
CA LEU K 204 -35.20 -13.97 -23.39
C LEU K 204 -35.00 -13.21 -22.09
N LEU K 205 -35.91 -12.27 -21.80
CA LEU K 205 -35.88 -11.53 -20.53
C LEU K 205 -37.26 -11.54 -19.85
N ILE K 206 -37.67 -12.69 -19.32
CA ILE K 206 -38.93 -12.76 -18.57
C ILE K 206 -38.75 -12.04 -17.23
N PHE K 207 -39.79 -11.34 -16.80
CA PHE K 207 -39.70 -10.53 -15.59
C PHE K 207 -40.66 -11.01 -14.52
N VAL K 208 -40.42 -10.48 -13.31
CA VAL K 208 -41.29 -10.69 -12.14
C VAL K 208 -42.77 -10.45 -12.46
N SER K 209 -43.12 -9.25 -12.93
CA SER K 209 -44.46 -8.95 -13.44
C SER K 209 -44.93 -9.92 -14.51
N GLY K 210 -44.03 -10.37 -15.39
CA GLY K 210 -44.49 -11.24 -16.46
C GLY K 210 -44.26 -10.61 -17.82
N LYS K 211 -43.52 -9.51 -17.81
CA LYS K 211 -43.14 -8.84 -19.04
C LYS K 211 -42.15 -9.68 -19.82
N ILE K 212 -42.41 -9.83 -21.12
CA ILE K 212 -41.60 -10.67 -22.00
C ILE K 212 -41.23 -9.88 -23.25
N VAL K 213 -39.92 -9.70 -23.45
CA VAL K 213 -39.36 -8.88 -24.51
C VAL K 213 -38.37 -9.75 -25.26
N LEU K 214 -38.42 -9.69 -26.59
CA LEU K 214 -37.53 -10.51 -27.40
C LEU K 214 -36.68 -9.60 -28.27
N THR K 215 -35.48 -10.06 -28.63
CA THR K 215 -34.57 -9.24 -29.41
C THR K 215 -33.58 -10.12 -30.17
N GLY K 216 -32.96 -9.53 -31.18
CA GLY K 216 -31.94 -10.21 -31.97
C GLY K 216 -32.47 -11.10 -33.07
N ALA K 217 -33.76 -11.03 -33.36
CA ALA K 217 -34.43 -11.83 -34.36
C ALA K 217 -34.27 -11.25 -35.76
N LYS K 218 -34.42 -12.12 -36.76
CA LYS K 218 -34.39 -11.66 -38.14
C LYS K 218 -35.77 -11.65 -38.79
N GLN K 219 -36.73 -12.44 -38.29
CA GLN K 219 -38.08 -12.48 -38.82
C GLN K 219 -39.04 -12.69 -37.66
N ARG K 220 -40.24 -12.10 -37.76
CA ARG K 220 -41.17 -12.08 -36.63
C ARG K 220 -41.79 -13.44 -36.30
N GLU K 221 -41.67 -14.41 -37.22
CA GLU K 221 -42.08 -15.78 -36.89
C GLU K 221 -41.26 -16.37 -35.77
N GLU K 222 -39.99 -15.93 -35.63
CA GLU K 222 -39.16 -16.43 -34.54
C GLU K 222 -39.71 -15.98 -33.20
N ILE K 223 -40.13 -14.71 -33.09
CA ILE K 223 -40.70 -14.23 -31.84
C ILE K 223 -42.04 -14.90 -31.60
N TYR K 224 -42.77 -15.24 -32.67
CA TYR K 224 -44.06 -15.91 -32.47
C TYR K 224 -43.86 -17.32 -31.95
N GLN K 225 -42.98 -18.10 -32.60
CA GLN K 225 -42.72 -19.47 -32.17
C GLN K 225 -42.08 -19.52 -30.78
N ALA K 226 -41.20 -18.55 -30.46
CA ALA K 226 -40.59 -18.55 -29.14
C ALA K 226 -41.56 -18.11 -28.05
N PHE K 227 -42.52 -17.23 -28.36
CA PHE K 227 -43.54 -16.89 -27.38
C PHE K 227 -44.47 -18.08 -27.13
N GLU K 228 -44.90 -18.78 -28.19
CA GLU K 228 -45.71 -19.98 -27.98
C GLU K 228 -44.91 -21.12 -27.37
N ALA K 229 -43.59 -21.10 -27.47
CA ALA K 229 -42.77 -22.15 -26.85
C ALA K 229 -42.51 -21.86 -25.38
N ILE K 230 -42.41 -20.59 -25.00
CA ILE K 230 -42.21 -20.24 -23.60
C ILE K 230 -43.53 -20.16 -22.84
N TYR K 231 -44.65 -20.03 -23.55
CA TYR K 231 -45.96 -20.05 -22.89
C TYR K 231 -46.28 -21.29 -22.05
N PRO K 232 -45.86 -22.53 -22.39
CA PRO K 232 -46.14 -23.64 -21.45
C PRO K 232 -45.44 -23.55 -20.10
N VAL K 233 -44.17 -23.14 -20.05
CA VAL K 233 -43.45 -23.18 -18.77
C VAL K 233 -43.93 -22.07 -17.84
N LEU K 234 -44.16 -20.86 -18.38
CA LEU K 234 -44.79 -19.82 -17.57
C LEU K 234 -46.25 -20.11 -17.31
N SER K 235 -46.90 -20.92 -18.16
CA SER K 235 -48.28 -21.32 -17.90
C SER K 235 -48.38 -22.31 -16.75
N GLU K 236 -47.38 -23.15 -16.55
CA GLU K 236 -47.35 -23.98 -15.35
C GLU K 236 -46.55 -23.34 -14.21
N PHE K 237 -46.07 -22.11 -14.41
CA PHE K 237 -45.45 -21.35 -13.33
C PHE K 237 -46.18 -20.04 -13.04
N ARG K 238 -47.50 -20.10 -12.89
CA ARG K 238 -48.29 -18.92 -12.56
C ARG K 238 -48.02 -18.46 -11.13
N LYS K 239 -48.37 -17.20 -10.88
CA LYS K 239 -48.45 -16.62 -9.54
C LYS K 239 -49.49 -15.51 -9.56
N MET K 240 -50.00 -15.18 -8.38
CA MET K 240 -51.05 -14.18 -8.24
C MET K 240 -50.48 -12.91 -7.61
#